data_5HW8
#
_entry.id   5HW8
#
_cell.length_a   115.423
_cell.length_b   84.184
_cell.length_c   116.724
_cell.angle_alpha   90.000
_cell.angle_beta   109.810
_cell.angle_gamma   90.000
#
_symmetry.space_group_name_H-M   'C 1 2 1'
#
loop_
_entity.id
_entity.type
_entity.pdbx_description
1 polymer 'FK506-binding protein 1'
2 non-polymer 8-DEETHYL-8-[BUT-3-ENYL]-ASCOMYCIN
3 water water
#
_entity_poly.entity_id   1
_entity_poly.type   'polypeptide(L)'
_entity_poly.pdbx_seq_one_letter_code
;EELPQIEIVQEGDNTTFAKPGDTVTIHYDGKLTNGKEFDSSRKRGKPFTCTVGVGQVIKGWDISLTNNYGKGGANLPKIS
KGTKAILTIPPNLAYGPRGIPGIIGPNETLVFEVELLGVNGQ
;
_entity_poly.pdbx_strand_id   A,B,C,D,E,F,G,H
#
loop_
_chem_comp.id
_chem_comp.type
_chem_comp.name
_chem_comp.formula
FK5 non-polymer 8-DEETHYL-8-[BUT-3-ENYL]-ASCOMYCIN 'C44 H69 N O12'
#
# COMPACT_ATOMS: atom_id res chain seq x y z
N LEU A 3 34.05 13.00 26.59
CA LEU A 3 32.96 13.21 25.64
C LEU A 3 32.92 11.96 24.72
N PRO A 4 32.15 11.98 23.60
CA PRO A 4 32.19 10.72 22.83
C PRO A 4 33.50 10.55 22.10
N GLN A 5 33.71 9.35 21.58
CA GLN A 5 34.91 9.06 20.83
C GLN A 5 34.52 8.71 19.39
N ILE A 6 35.23 9.25 18.41
CA ILE A 6 34.95 8.89 17.02
C ILE A 6 36.20 8.37 16.30
N GLU A 7 36.06 7.24 15.63
CA GLU A 7 37.12 6.69 14.82
C GLU A 7 36.61 6.62 13.40
N ILE A 8 37.37 7.16 12.46
CA ILE A 8 36.93 7.17 11.07
C ILE A 8 37.43 5.94 10.30
N VAL A 9 36.52 5.02 10.04
CA VAL A 9 36.77 3.88 9.18
C VAL A 9 36.91 4.22 7.70
N GLN A 10 36.14 5.19 7.20
CA GLN A 10 36.18 5.55 5.79
C GLN A 10 35.93 7.04 5.64
N GLU A 11 36.11 7.58 4.43
CA GLU A 11 36.06 9.02 4.22
C GLU A 11 34.95 9.42 3.28
N GLY A 12 34.27 10.49 3.66
CA GLY A 12 33.18 11.05 2.89
C GLY A 12 33.65 12.10 1.91
N ASP A 13 32.71 12.87 1.40
CA ASP A 13 33.00 13.93 0.44
C ASP A 13 33.93 14.97 1.04
N ASN A 14 33.78 15.19 2.34
CA ASN A 14 34.60 16.09 3.16
C ASN A 14 34.12 17.52 2.99
N THR A 15 33.01 17.69 2.29
CA THR A 15 32.40 19.02 2.16
C THR A 15 31.06 19.15 2.86
N THR A 16 30.38 18.04 3.13
CA THR A 16 29.03 18.08 3.70
C THR A 16 28.99 17.63 5.14
N PHE A 17 28.75 18.57 6.04
CA PHE A 17 28.74 18.26 7.46
C PHE A 17 27.46 18.74 8.07
N ALA A 18 26.91 17.95 8.99
CA ALA A 18 25.70 18.36 9.69
C ALA A 18 25.98 19.47 10.68
N LYS A 19 24.97 20.32 10.88
CA LYS A 19 25.05 21.44 11.82
C LYS A 19 23.82 21.32 12.67
N PRO A 20 23.83 21.94 13.87
CA PRO A 20 22.63 21.74 14.69
C PRO A 20 21.38 22.24 13.97
N GLY A 21 20.29 21.50 14.11
CA GLY A 21 19.03 21.81 13.47
C GLY A 21 18.89 21.13 12.11
N ASP A 22 19.98 20.57 11.63
CA ASP A 22 20.00 19.78 10.39
C ASP A 22 19.44 18.38 10.62
N THR A 23 18.93 17.77 9.56
CA THR A 23 18.39 16.42 9.66
C THR A 23 19.33 15.48 8.92
N VAL A 24 19.66 14.35 9.54
CA VAL A 24 20.61 13.42 8.96
C VAL A 24 19.93 12.08 8.78
N THR A 25 20.46 11.29 7.85
CA THR A 25 20.00 9.94 7.60
C THR A 25 21.14 8.98 7.77
N ILE A 26 20.95 7.99 8.63
CA ILE A 26 22.07 7.12 8.97
C ILE A 26 21.69 5.64 8.97
N HIS A 27 22.66 4.81 8.59
CA HIS A 27 22.55 3.36 8.71
C HIS A 27 23.51 2.98 9.81
N TYR A 28 23.06 2.16 10.75
CA TYR A 28 23.95 1.87 11.86
C TYR A 28 23.77 0.48 12.46
N ASP A 29 24.81 0.01 13.16
CA ASP A 29 24.69 -1.13 14.07
C ASP A 29 25.18 -0.66 15.42
N GLY A 30 24.45 -1.02 16.47
CA GLY A 30 24.83 -0.64 17.82
C GLY A 30 25.20 -1.88 18.61
N LYS A 31 26.38 -1.85 19.22
CA LYS A 31 26.90 -2.98 19.99
C LYS A 31 27.36 -2.46 21.33
N LEU A 32 27.49 -3.36 22.29
CA LEU A 32 28.16 -3.04 23.55
C LEU A 32 29.67 -3.19 23.37
N THR A 33 30.44 -2.84 24.39
CA THR A 33 31.89 -2.96 24.33
C THR A 33 32.28 -4.45 24.23
N ASN A 34 31.46 -5.31 24.80
CA ASN A 34 31.70 -6.75 24.73
C ASN A 34 31.40 -7.37 23.35
N GLY A 35 30.87 -6.57 22.44
CA GLY A 35 30.57 -7.02 21.09
C GLY A 35 29.21 -7.62 20.77
N LYS A 36 28.27 -7.59 21.70
CA LYS A 36 26.93 -8.11 21.41
C LYS A 36 26.01 -7.02 20.86
N GLU A 37 25.43 -7.29 19.70
CA GLU A 37 24.59 -6.31 19.02
C GLU A 37 23.25 -6.16 19.71
N PHE A 38 22.83 -4.92 19.89
CA PHE A 38 21.51 -4.66 20.46
C PHE A 38 20.55 -4.04 19.44
N ASP A 39 21.10 -3.36 18.44
CA ASP A 39 20.28 -2.82 17.36
C ASP A 39 21.03 -2.68 16.02
N SER A 40 20.32 -2.92 14.93
CA SER A 40 20.83 -2.60 13.59
C SER A 40 19.77 -1.95 12.72
N SER A 41 20.05 -0.75 12.20
CA SER A 41 19.16 -0.10 11.23
C SER A 41 19.07 -0.87 9.90
N ARG A 42 20.19 -1.38 9.42
CA ARG A 42 20.16 -2.18 8.19
C ARG A 42 19.42 -3.50 8.35
N LYS A 43 19.56 -4.17 9.50
CA LYS A 43 18.88 -5.45 9.68
C LYS A 43 17.36 -5.27 9.51
N ARG A 44 16.85 -4.15 10.02
CA ARG A 44 15.47 -3.71 9.83
C ARG A 44 15.21 -3.39 8.34
N GLY A 45 16.25 -3.00 7.64
CA GLY A 45 16.12 -2.65 6.24
C GLY A 45 15.71 -1.20 6.06
N LYS A 46 15.69 -0.46 7.16
CA LYS A 46 15.34 0.95 7.09
C LYS A 46 16.38 1.85 7.78
N PRO A 47 16.87 2.88 7.07
CA PRO A 47 17.79 3.86 7.62
C PRO A 47 17.10 4.77 8.60
N PHE A 48 17.87 5.34 9.52
CA PHE A 48 17.32 6.17 10.58
C PHE A 48 17.48 7.65 10.25
N THR A 49 16.40 8.40 10.39
CA THR A 49 16.45 9.82 10.11
C THR A 49 16.07 10.57 11.36
N CYS A 50 16.79 11.64 11.68
CA CYS A 50 16.48 12.39 12.88
C CYS A 50 16.99 13.79 12.73
N THR A 51 16.63 14.66 13.67
CA THR A 51 17.13 16.02 13.71
C THR A 51 18.14 16.09 14.86
N VAL A 52 19.35 16.57 14.56
CA VAL A 52 20.42 16.58 15.55
C VAL A 52 20.60 17.94 16.17
N GLY A 53 21.10 17.95 17.40
CA GLY A 53 21.38 19.22 18.05
C GLY A 53 20.19 19.83 18.74
N VAL A 54 19.06 19.14 18.71
CA VAL A 54 17.88 19.63 19.42
C VAL A 54 17.52 18.81 20.69
N GLY A 55 18.34 17.83 21.05
CA GLY A 55 18.01 16.99 22.19
C GLY A 55 17.00 15.91 21.84
N GLN A 56 16.77 15.71 20.55
CA GLN A 56 15.90 14.63 20.06
C GLN A 56 16.43 13.22 20.37
N VAL A 57 17.74 13.05 20.31
CA VAL A 57 18.41 11.75 20.44
C VAL A 57 19.43 11.86 21.57
N ILE A 58 20.10 10.77 21.91
CA ILE A 58 21.03 10.80 23.05
C ILE A 58 22.16 11.78 22.76
N LYS A 59 22.79 12.28 23.81
CA LYS A 59 23.76 13.36 23.67
C LYS A 59 24.99 12.98 22.85
N GLY A 60 25.44 11.73 22.98
CA GLY A 60 26.60 11.27 22.26
C GLY A 60 26.38 11.34 20.77
N TRP A 61 25.16 11.07 20.33
CA TRP A 61 24.79 11.23 18.90
C TRP A 61 24.79 12.69 18.47
N ASP A 62 24.24 13.56 19.31
CA ASP A 62 24.18 14.99 19.02
C ASP A 62 25.57 15.59 18.93
N ILE A 63 26.44 15.22 19.85
CA ILE A 63 27.81 15.70 19.86
C ILE A 63 28.62 15.25 18.66
N SER A 64 28.57 13.97 18.33
CA SER A 64 29.38 13.46 17.21
C SER A 64 28.96 14.01 15.86
N LEU A 65 27.66 14.02 15.61
CA LEU A 65 27.09 14.51 14.34
C LEU A 65 27.22 16.04 14.10
N THR A 66 27.20 16.85 15.14
CA THR A 66 27.27 18.29 14.94
C THR A 66 28.67 18.83 15.20
N ASN A 67 29.65 17.93 15.34
CA ASN A 67 31.01 18.33 15.70
C ASN A 67 31.00 19.14 16.99
N ASN A 68 30.29 18.65 18.00
CA ASN A 68 30.10 19.36 19.27
C ASN A 68 29.52 20.77 19.11
N TYR A 69 28.52 20.90 18.24
CA TYR A 69 27.80 22.15 18.03
C TYR A 69 28.76 23.21 17.51
N GLY A 70 29.84 22.75 16.88
CA GLY A 70 30.85 23.59 16.27
C GLY A 70 31.97 24.04 17.20
N LYS A 71 31.84 23.73 18.48
CA LYS A 71 32.91 23.99 19.44
C LYS A 71 34.16 23.16 19.15
N GLY A 72 33.97 21.98 18.59
CA GLY A 72 35.07 21.08 18.30
C GLY A 72 35.34 20.25 19.52
N GLY A 73 36.12 19.19 19.37
CA GLY A 73 36.41 18.36 20.53
C GLY A 73 37.64 17.49 20.43
N ALA A 74 38.09 16.99 21.57
CA ALA A 74 39.20 16.06 21.57
C ALA A 74 38.69 14.74 21.02
N ASN A 75 39.42 14.21 20.04
CA ASN A 75 39.09 12.92 19.42
C ASN A 75 37.72 13.00 18.77
N LEU A 76 37.39 14.18 18.25
CA LEU A 76 36.04 14.46 17.80
C LEU A 76 35.94 14.73 16.29
N PRO A 77 36.63 13.96 15.44
CA PRO A 77 36.65 14.36 14.03
C PRO A 77 35.26 14.42 13.46
N LYS A 78 35.06 15.32 12.49
CA LYS A 78 33.75 15.48 11.89
C LYS A 78 33.41 14.41 10.85
N ILE A 79 32.14 14.05 10.81
CA ILE A 79 31.63 13.02 9.93
C ILE A 79 30.91 13.69 8.79
N SER A 80 31.21 13.27 7.57
CA SER A 80 30.65 13.90 6.39
C SER A 80 29.82 12.91 5.59
N LYS A 81 29.09 13.39 4.59
CA LYS A 81 28.23 12.49 3.83
C LYS A 81 29.08 11.40 3.19
N GLY A 82 28.62 10.16 3.27
CA GLY A 82 29.36 9.05 2.68
C GLY A 82 30.46 8.54 3.58
N THR A 83 30.67 9.21 4.71
CA THR A 83 31.69 8.81 5.71
C THR A 83 31.21 7.59 6.52
N LYS A 84 32.15 6.73 6.88
CA LYS A 84 31.85 5.61 7.79
C LYS A 84 32.71 5.80 9.03
N ALA A 85 32.08 5.81 10.19
CA ALA A 85 32.79 6.11 11.44
C ALA A 85 32.29 5.23 12.58
N ILE A 86 33.08 5.13 13.65
CA ILE A 86 32.65 4.41 14.84
C ILE A 86 32.53 5.35 16.02
N LEU A 87 31.36 5.39 16.65
CA LEU A 87 31.16 6.27 17.80
C LEU A 87 31.14 5.44 19.07
N THR A 88 32.01 5.79 20.00
CA THR A 88 31.99 5.17 21.31
C THR A 88 31.36 6.14 22.29
N ILE A 89 30.23 5.74 22.86
CA ILE A 89 29.51 6.62 23.75
C ILE A 89 29.51 6.08 25.17
N PRO A 90 30.00 6.87 26.13
CA PRO A 90 30.05 6.52 27.55
C PRO A 90 28.65 6.42 28.10
N PRO A 91 28.49 5.88 29.32
CA PRO A 91 27.13 5.72 29.86
C PRO A 91 26.47 7.09 30.02
N ASN A 92 27.25 8.08 30.45
CA ASN A 92 26.85 9.47 30.28
C ASN A 92 26.83 9.68 28.78
N LEU A 93 25.95 10.54 28.29
CA LEU A 93 25.85 10.84 26.85
C LEU A 93 25.01 9.76 26.15
N ALA A 94 24.62 8.73 26.90
CA ALA A 94 23.77 7.70 26.34
C ALA A 94 22.58 7.49 27.25
N TYR A 95 22.39 6.27 27.73
CA TYR A 95 21.24 5.98 28.58
C TYR A 95 21.53 5.90 30.09
N GLY A 96 22.75 6.18 30.50
CA GLY A 96 23.04 6.36 31.91
C GLY A 96 23.05 5.12 32.78
N PRO A 97 22.90 5.32 34.10
CA PRO A 97 22.81 4.27 35.12
C PRO A 97 21.57 3.41 34.96
N ARG A 98 20.42 4.01 34.73
CA ARG A 98 19.19 3.23 34.56
C ARG A 98 19.24 2.40 33.28
N GLY A 99 19.58 3.03 32.15
CA GLY A 99 19.56 2.35 30.87
C GLY A 99 18.11 2.18 30.39
N ILE A 100 17.87 1.33 29.39
CA ILE A 100 16.49 0.97 29.06
C ILE A 100 16.26 -0.52 28.94
N PRO A 101 15.80 -1.16 30.02
CA PRO A 101 15.46 -2.58 29.91
C PRO A 101 14.22 -2.74 29.02
N GLY A 102 14.07 -3.82 28.25
CA GLY A 102 15.02 -4.92 28.16
C GLY A 102 16.38 -4.63 27.53
N ILE A 103 16.41 -3.78 26.51
CA ILE A 103 17.53 -3.74 25.58
C ILE A 103 18.89 -3.41 26.18
N ILE A 104 18.98 -2.37 27.00
CA ILE A 104 20.28 -1.91 27.52
C ILE A 104 20.41 -1.99 29.02
N GLY A 105 21.54 -2.54 29.47
CA GLY A 105 21.84 -2.73 30.87
C GLY A 105 22.26 -1.45 31.54
N PRO A 106 22.37 -1.47 32.87
CA PRO A 106 22.81 -0.25 33.58
C PRO A 106 24.26 0.12 33.30
N ASN A 107 24.53 1.42 33.17
CA ASN A 107 25.87 1.96 32.93
C ASN A 107 26.60 1.35 31.75
N GLU A 108 25.95 1.33 30.60
CA GLU A 108 26.57 0.72 29.41
C GLU A 108 27.24 1.74 28.47
N THR A 109 28.46 1.40 28.06
CA THR A 109 29.16 2.14 27.03
C THR A 109 28.73 1.53 25.71
N LEU A 110 28.38 2.38 24.75
CA LEU A 110 27.79 1.89 23.51
C LEU A 110 28.70 2.18 22.34
N VAL A 111 28.75 1.25 21.41
CA VAL A 111 29.53 1.42 20.20
C VAL A 111 28.60 1.42 19.00
N PHE A 112 28.67 2.47 18.20
CA PHE A 112 27.84 2.53 17.01
C PHE A 112 28.71 2.52 15.77
N GLU A 113 28.42 1.64 14.83
CA GLU A 113 29.08 1.71 13.54
C GLU A 113 28.04 2.35 12.64
N VAL A 114 28.37 3.50 12.04
CA VAL A 114 27.37 4.29 11.35
C VAL A 114 27.79 4.69 9.96
N GLU A 115 26.81 4.80 9.07
CA GLU A 115 27.06 5.35 7.74
C GLU A 115 26.14 6.53 7.51
N LEU A 116 26.72 7.70 7.24
CA LEU A 116 25.93 8.90 7.03
C LEU A 116 25.56 8.95 5.57
N LEU A 117 24.34 8.52 5.27
CA LEU A 117 23.83 8.54 3.91
C LEU A 117 23.56 9.94 3.38
N GLY A 118 22.93 10.80 4.20
CA GLY A 118 22.61 12.13 3.74
C GLY A 118 22.47 13.16 4.84
N VAL A 119 22.58 14.44 4.47
CA VAL A 119 22.26 15.52 5.39
C VAL A 119 21.28 16.47 4.72
N ASN A 120 20.19 16.80 5.39
CA ASN A 120 19.19 17.71 4.84
C ASN A 120 18.78 17.33 3.42
N GLY A 121 18.82 18.32 2.53
CA GLY A 121 18.48 18.10 1.14
C GLY A 121 19.28 16.98 0.51
N GLN A 122 20.61 17.06 0.60
CA GLN A 122 21.50 16.04 0.04
C GLN A 122 21.21 15.77 -1.43
N GLU B 1 -1.24 -4.12 -19.66
CA GLU B 1 0.15 -4.10 -20.13
C GLU B 1 0.78 -2.71 -19.98
N GLU B 2 0.07 -1.79 -19.34
CA GLU B 2 0.58 -0.43 -19.23
C GLU B 2 1.82 -0.38 -18.33
N LEU B 3 2.80 0.42 -18.72
CA LEU B 3 4.04 0.53 -17.99
C LEU B 3 4.45 2.00 -17.82
N PRO B 4 5.17 2.32 -16.73
CA PRO B 4 5.70 3.67 -16.54
C PRO B 4 6.92 3.88 -17.42
N GLN B 5 7.24 5.12 -17.76
CA GLN B 5 8.44 5.34 -18.58
C GLN B 5 9.61 5.67 -17.67
N ILE B 6 10.76 5.07 -17.94
CA ILE B 6 11.98 5.38 -17.16
C ILE B 6 13.10 5.90 -18.04
N GLU B 7 13.73 6.99 -17.61
CA GLU B 7 14.93 7.52 -18.26
C GLU B 7 16.06 7.62 -17.24
N ILE B 8 17.19 6.98 -17.54
CA ILE B 8 18.31 6.92 -16.59
C ILE B 8 19.30 8.06 -16.85
N VAL B 9 19.27 9.06 -15.99
CA VAL B 9 20.21 10.18 -16.03
C VAL B 9 21.64 9.77 -15.63
N GLN B 10 21.76 9.10 -14.48
CA GLN B 10 23.06 8.62 -13.99
C GLN B 10 23.00 7.15 -13.55
N GLU B 11 23.96 6.36 -14.00
CA GLU B 11 23.97 4.92 -13.73
C GLU B 11 24.44 4.59 -12.32
N GLY B 12 23.93 3.47 -11.80
CA GLY B 12 24.28 2.97 -10.48
C GLY B 12 25.41 1.95 -10.49
N ASP B 13 25.56 1.23 -9.37
CA ASP B 13 26.56 0.18 -9.22
C ASP B 13 26.34 -0.97 -10.21
N ASN B 14 25.07 -1.17 -10.58
CA ASN B 14 24.65 -2.14 -11.60
C ASN B 14 24.55 -3.55 -11.05
N THR B 15 24.85 -3.71 -9.76
CA THR B 15 24.76 -5.03 -9.14
C THR B 15 23.56 -5.16 -8.21
N THR B 16 23.19 -4.07 -7.55
CA THR B 16 22.11 -4.09 -6.57
C THR B 16 20.78 -3.57 -7.13
N PHE B 17 19.79 -4.45 -7.19
CA PHE B 17 18.46 -4.10 -7.69
C PHE B 17 17.40 -4.51 -6.68
N ALA B 18 16.35 -3.71 -6.54
CA ALA B 18 15.27 -4.09 -5.63
C ALA B 18 14.45 -5.25 -6.21
N LYS B 19 13.87 -6.05 -5.33
CA LYS B 19 13.06 -7.20 -5.74
C LYS B 19 11.73 -6.97 -5.06
N PRO B 20 10.63 -7.56 -5.59
CA PRO B 20 9.38 -7.26 -4.91
C PRO B 20 9.41 -7.73 -3.44
N GLY B 21 8.92 -6.88 -2.55
CA GLY B 21 8.97 -7.13 -1.11
C GLY B 21 10.19 -6.53 -0.41
N ASP B 22 11.14 -6.02 -1.18
CA ASP B 22 12.29 -5.31 -0.61
C ASP B 22 11.91 -3.89 -0.19
N THR B 23 12.64 -3.37 0.79
CA THR B 23 12.45 -2.01 1.28
C THR B 23 13.43 -1.11 0.54
N VAL B 24 13.00 0.07 0.11
CA VAL B 24 13.90 0.98 -0.59
C VAL B 24 13.85 2.37 0.01
N THR B 25 14.95 3.10 -0.09
CA THR B 25 14.97 4.50 0.32
C THR B 25 15.29 5.37 -0.88
N ILE B 26 14.44 6.37 -1.14
CA ILE B 26 14.57 7.21 -2.34
C ILE B 26 14.47 8.70 -2.02
N HIS B 27 15.17 9.52 -2.81
CA HIS B 27 15.03 10.97 -2.79
C HIS B 27 14.35 11.33 -4.10
N TYR B 28 13.28 12.10 -4.03
CA TYR B 28 12.52 12.41 -5.23
C TYR B 28 12.06 13.84 -5.22
N ASP B 29 11.70 14.31 -6.41
CA ASP B 29 10.94 15.52 -6.57
C ASP B 29 9.78 15.07 -7.41
N GLY B 30 8.58 15.52 -7.06
CA GLY B 30 7.40 15.12 -7.82
C GLY B 30 6.79 16.31 -8.51
N LYS B 31 6.54 16.15 -9.81
CA LYS B 31 6.00 17.23 -10.61
C LYS B 31 4.94 16.78 -11.59
N LEU B 32 4.10 17.73 -12.01
CA LEU B 32 3.11 17.47 -13.05
C LEU B 32 3.75 17.57 -14.42
N THR B 33 2.97 17.30 -15.45
CA THR B 33 3.48 17.29 -16.82
C THR B 33 3.98 18.67 -17.24
N ASN B 34 3.33 19.72 -16.71
CA ASN B 34 3.74 21.10 -17.00
C ASN B 34 5.02 21.49 -16.26
N GLY B 35 5.53 20.58 -15.42
CA GLY B 35 6.72 20.86 -14.64
C GLY B 35 6.47 21.59 -13.34
N LYS B 36 5.20 21.74 -12.97
CA LYS B 36 4.82 22.32 -11.69
C LYS B 36 5.14 21.30 -10.59
N GLU B 37 5.44 21.73 -9.37
CA GLU B 37 5.95 20.84 -8.32
C GLU B 37 4.95 20.63 -7.20
N PHE B 38 4.60 19.38 -6.90
CA PHE B 38 3.67 19.07 -5.82
C PHE B 38 4.34 18.49 -4.57
N ASP B 39 5.38 17.69 -4.75
CA ASP B 39 6.15 17.20 -3.61
C ASP B 39 7.64 17.02 -3.86
N SER B 40 8.48 17.41 -2.88
CA SER B 40 9.90 17.07 -2.90
C SER B 40 10.41 16.46 -1.59
N SER B 41 10.96 15.25 -1.66
CA SER B 41 11.59 14.68 -0.48
C SER B 41 12.83 15.50 -0.06
N ARG B 42 13.58 15.99 -1.06
CA ARG B 42 14.79 16.79 -0.85
C ARG B 42 14.48 18.15 -0.18
N LYS B 43 13.39 18.79 -0.59
CA LYS B 43 12.96 20.02 0.06
C LYS B 43 12.56 19.78 1.50
N ARG B 44 11.86 18.69 1.75
CA ARG B 44 11.48 18.33 3.11
C ARG B 44 12.71 17.97 3.99
N GLY B 45 13.74 17.39 3.39
CA GLY B 45 14.95 17.06 4.12
C GLY B 45 14.96 15.66 4.70
N LYS B 46 13.88 14.93 4.48
CA LYS B 46 13.84 13.52 4.85
C LYS B 46 13.66 12.67 3.59
N PRO B 47 14.56 11.68 3.40
CA PRO B 47 14.41 10.75 2.26
C PRO B 47 13.24 9.83 2.49
N PHE B 48 12.77 9.17 1.45
CA PHE B 48 11.55 8.41 1.57
C PHE B 48 11.80 6.90 1.57
N THR B 49 11.22 6.23 2.56
CA THR B 49 11.39 4.80 2.74
C THR B 49 10.06 4.08 2.65
N CYS B 50 10.04 3.03 1.84
CA CYS B 50 8.83 2.25 1.63
C CYS B 50 9.17 0.84 1.17
N THR B 51 8.19 -0.06 1.20
CA THR B 51 8.34 -1.40 0.64
C THR B 51 7.72 -1.38 -0.74
N VAL B 52 8.45 -1.90 -1.73
CA VAL B 52 7.98 -1.83 -3.11
C VAL B 52 7.50 -3.17 -3.66
N GLY B 53 6.51 -3.13 -4.54
CA GLY B 53 5.94 -4.32 -5.14
C GLY B 53 4.87 -5.01 -4.32
N VAL B 54 4.48 -4.39 -3.22
CA VAL B 54 3.49 -5.00 -2.34
C VAL B 54 2.19 -4.20 -2.30
N GLY B 55 2.10 -3.19 -3.17
CA GLY B 55 0.92 -2.35 -3.21
C GLY B 55 0.91 -1.21 -2.22
N GLN B 56 2.01 -1.01 -1.49
CA GLN B 56 2.11 0.12 -0.57
C GLN B 56 2.11 1.47 -1.28
N VAL B 57 2.72 1.52 -2.47
CA VAL B 57 2.92 2.77 -3.19
C VAL B 57 2.36 2.57 -4.58
N ILE B 58 2.19 3.65 -5.34
CA ILE B 58 1.46 3.59 -6.60
C ILE B 58 2.13 2.66 -7.59
N LYS B 59 1.33 2.16 -8.53
CA LYS B 59 1.75 1.07 -9.39
C LYS B 59 2.96 1.43 -10.23
N GLY B 60 3.07 2.69 -10.60
CA GLY B 60 4.22 3.13 -11.37
C GLY B 60 5.52 2.99 -10.61
N TRP B 61 5.49 3.26 -9.31
CA TRP B 61 6.66 3.05 -8.47
C TRP B 61 7.03 1.58 -8.29
N ASP B 62 6.05 0.72 -8.11
CA ASP B 62 6.30 -0.71 -7.95
C ASP B 62 6.90 -1.32 -9.21
N ILE B 63 6.34 -0.98 -10.37
CA ILE B 63 6.84 -1.50 -11.64
C ILE B 63 8.25 -1.05 -11.99
N SER B 64 8.54 0.24 -11.85
CA SER B 64 9.87 0.74 -12.22
C SER B 64 10.99 0.21 -11.34
N LEU B 65 10.76 0.24 -10.03
CA LEU B 65 11.70 -0.26 -9.02
C LEU B 65 11.92 -1.77 -9.01
N THR B 66 10.92 -2.57 -9.33
CA THR B 66 11.10 -4.02 -9.35
C THR B 66 11.34 -4.61 -10.73
N ASN B 67 11.52 -3.76 -11.73
CA ASN B 67 11.60 -4.19 -13.11
C ASN B 67 10.37 -4.98 -13.53
N ASN B 68 9.18 -4.46 -13.21
CA ASN B 68 7.93 -5.17 -13.47
C ASN B 68 7.87 -6.54 -12.78
N TYR B 69 8.24 -6.56 -11.50
CA TYR B 69 8.16 -7.78 -10.68
C TYR B 69 9.10 -8.86 -11.25
N GLY B 70 10.15 -8.42 -11.92
CA GLY B 70 11.14 -9.32 -12.46
C GLY B 70 10.73 -9.87 -13.81
N LYS B 71 9.49 -9.58 -14.20
CA LYS B 71 9.01 -9.96 -15.52
C LYS B 71 9.76 -9.21 -16.63
N GLY B 72 10.24 -8.02 -16.29
CA GLY B 72 10.90 -7.18 -17.27
C GLY B 72 9.87 -6.38 -18.02
N GLY B 73 10.33 -5.59 -18.97
CA GLY B 73 9.44 -4.71 -19.72
C GLY B 73 9.99 -4.33 -21.08
N ALA B 74 9.15 -3.65 -21.86
CA ALA B 74 9.55 -3.15 -23.17
C ALA B 74 10.06 -1.73 -23.01
N ASN B 75 11.33 -1.53 -23.33
CA ASN B 75 11.98 -0.21 -23.22
C ASN B 75 12.19 0.15 -21.76
N LEU B 76 12.11 -0.85 -20.89
CA LEU B 76 12.16 -0.66 -19.44
C LEU B 76 13.53 -0.99 -18.83
N PRO B 77 14.26 0.07 -18.41
CA PRO B 77 15.56 -0.09 -17.76
C PRO B 77 15.46 -0.63 -16.37
N LYS B 78 16.54 -1.23 -15.90
CA LYS B 78 16.65 -1.68 -14.51
C LYS B 78 17.24 -0.53 -13.71
N ILE B 79 16.70 -0.28 -12.52
CA ILE B 79 17.22 0.76 -11.64
C ILE B 79 18.07 0.09 -10.55
N SER B 80 19.21 0.69 -10.21
CA SER B 80 20.11 0.11 -9.21
C SER B 80 20.47 1.15 -8.18
N LYS B 81 21.08 0.72 -7.09
CA LYS B 81 21.40 1.65 -6.01
C LYS B 81 22.35 2.74 -6.53
N GLY B 82 22.05 3.99 -6.17
CA GLY B 82 22.83 5.15 -6.61
C GLY B 82 22.42 5.70 -7.96
N THR B 83 21.42 5.09 -8.59
CA THR B 83 20.91 5.52 -9.89
C THR B 83 20.10 6.79 -9.78
N LYS B 84 20.22 7.66 -10.78
CA LYS B 84 19.34 8.82 -10.93
C LYS B 84 18.54 8.67 -12.21
N ALA B 85 17.22 8.69 -12.07
CA ALA B 85 16.31 8.38 -13.16
C ALA B 85 15.09 9.29 -13.15
N ILE B 86 14.38 9.33 -14.28
CA ILE B 86 13.11 10.05 -14.36
C ILE B 86 11.98 9.07 -14.67
N LEU B 87 10.92 9.10 -13.87
CA LEU B 87 9.78 8.22 -14.10
C LEU B 87 8.58 9.02 -14.59
N THR B 88 8.01 8.58 -15.70
CA THR B 88 6.76 9.17 -16.16
C THR B 88 5.66 8.15 -15.92
N ILE B 89 4.71 8.50 -15.05
CA ILE B 89 3.67 7.55 -14.67
C ILE B 89 2.33 8.03 -15.17
N PRO B 90 1.66 7.21 -16.00
CA PRO B 90 0.36 7.64 -16.51
C PRO B 90 -0.64 7.62 -15.38
N PRO B 91 -1.79 8.30 -15.55
CA PRO B 91 -2.74 8.43 -14.44
C PRO B 91 -3.27 7.06 -13.95
N ASN B 92 -3.42 6.08 -14.84
CA ASN B 92 -3.88 4.75 -14.47
C ASN B 92 -2.92 4.04 -13.50
N LEU B 93 -1.62 4.32 -13.64
CA LEU B 93 -0.59 3.76 -12.78
C LEU B 93 -0.27 4.74 -11.64
N ALA B 94 -1.08 5.78 -11.50
CA ALA B 94 -0.89 6.75 -10.42
C ALA B 94 -2.18 6.89 -9.58
N TYR B 95 -2.74 8.10 -9.52
CA TYR B 95 -3.96 8.31 -8.73
C TYR B 95 -5.24 8.39 -9.54
N GLY B 96 -5.14 8.33 -10.87
CA GLY B 96 -6.31 8.19 -11.70
C GLY B 96 -7.19 9.43 -11.80
N PRO B 97 -8.46 9.22 -12.16
CA PRO B 97 -9.49 10.25 -12.34
C PRO B 97 -9.85 10.98 -11.03
N ARG B 98 -9.91 10.23 -9.95
CA ARG B 98 -10.23 10.76 -8.64
C ARG B 98 -9.17 11.72 -8.05
N GLY B 99 -7.89 11.36 -8.16
CA GLY B 99 -6.80 12.18 -7.64
C GLY B 99 -6.66 12.12 -6.12
N ILE B 100 -5.89 13.05 -5.57
CA ILE B 100 -5.87 13.29 -4.13
C ILE B 100 -6.32 14.72 -3.86
N PRO B 101 -7.40 14.88 -3.10
CA PRO B 101 -7.93 16.24 -2.93
C PRO B 101 -6.95 17.20 -2.25
N GLY B 102 -6.81 18.37 -2.84
CA GLY B 102 -5.96 19.42 -2.31
C GLY B 102 -4.53 19.35 -2.75
N ILE B 103 -4.16 18.25 -3.42
CA ILE B 103 -2.79 18.09 -3.91
C ILE B 103 -2.72 17.83 -5.42
N ILE B 104 -3.31 16.71 -5.85
CA ILE B 104 -3.23 16.30 -7.25
C ILE B 104 -4.60 16.30 -7.91
N GLY B 105 -4.65 16.85 -9.12
CA GLY B 105 -5.85 17.00 -9.91
C GLY B 105 -6.22 15.69 -10.57
N PRO B 106 -7.44 15.63 -11.12
CA PRO B 106 -7.96 14.46 -11.82
C PRO B 106 -7.17 14.11 -13.08
N ASN B 107 -6.95 12.80 -13.29
CA ASN B 107 -6.30 12.30 -14.49
C ASN B 107 -4.89 12.83 -14.74
N GLU B 108 -4.07 12.90 -13.71
CA GLU B 108 -2.73 13.49 -13.87
C GLU B 108 -1.62 12.48 -14.12
N THR B 109 -0.82 12.76 -15.13
CA THR B 109 0.43 12.07 -15.33
C THR B 109 1.46 12.62 -14.35
N LEU B 110 2.22 11.74 -13.70
CA LEU B 110 3.15 12.20 -12.69
C LEU B 110 4.57 11.96 -13.16
N VAL B 111 5.43 12.96 -12.95
CA VAL B 111 6.84 12.84 -13.26
C VAL B 111 7.64 12.85 -11.98
N PHE B 112 8.45 11.82 -11.81
CA PHE B 112 9.28 11.70 -10.63
C PHE B 112 10.75 11.65 -11.00
N GLU B 113 11.53 12.54 -10.41
CA GLU B 113 12.97 12.45 -10.54
C GLU B 113 13.47 11.80 -9.26
N VAL B 114 14.07 10.62 -9.38
CA VAL B 114 14.38 9.84 -8.19
C VAL B 114 15.84 9.38 -8.12
N GLU B 115 16.36 9.31 -6.89
CA GLU B 115 17.67 8.68 -6.66
C GLU B 115 17.53 7.55 -5.65
N LEU B 116 18.03 6.37 -6.02
CA LEU B 116 17.93 5.21 -5.16
C LEU B 116 19.12 5.16 -4.23
N LEU B 117 18.89 5.63 -3.00
CA LEU B 117 19.87 5.60 -1.93
C LEU B 117 20.19 4.20 -1.41
N GLY B 118 19.18 3.34 -1.28
CA GLY B 118 19.45 2.01 -0.79
C GLY B 118 18.42 0.93 -1.05
N VAL B 119 18.86 -0.33 -0.98
CA VAL B 119 17.96 -1.46 -0.96
C VAL B 119 18.21 -2.31 0.29
N ASN B 120 17.19 -2.45 1.14
CA ASN B 120 17.29 -3.22 2.39
C ASN B 120 18.47 -2.73 3.24
N GLY B 121 19.44 -3.61 3.48
CA GLY B 121 20.67 -3.21 4.15
C GLY B 121 21.86 -3.33 3.22
N GLN B 122 21.60 -3.23 1.91
CA GLN B 122 22.61 -3.26 0.84
C GLN B 122 23.18 -4.66 0.62
N GLU C 2 -6.43 -13.11 -19.88
CA GLU C 2 -6.33 -11.82 -19.20
C GLU C 2 -5.69 -11.99 -17.83
N LEU C 3 -6.39 -12.72 -16.97
CA LEU C 3 -5.92 -13.01 -15.62
C LEU C 3 -6.29 -14.47 -15.30
N PRO C 4 -5.59 -15.10 -14.35
CA PRO C 4 -5.96 -16.49 -14.04
C PRO C 4 -7.29 -16.54 -13.32
N GLN C 5 -8.06 -17.61 -13.50
CA GLN C 5 -9.30 -17.75 -12.75
C GLN C 5 -9.02 -18.63 -11.55
N ILE C 6 -9.59 -18.24 -10.41
CA ILE C 6 -9.40 -18.97 -9.17
C ILE C 6 -10.74 -19.47 -8.62
N GLU C 7 -10.75 -20.75 -8.26
CA GLU C 7 -11.91 -21.38 -7.67
C GLU C 7 -11.57 -21.78 -6.25
N ILE C 8 -12.33 -21.30 -5.28
CA ILE C 8 -12.02 -21.58 -3.88
C ILE C 8 -12.91 -22.73 -3.40
N VAL C 9 -12.31 -23.86 -3.03
CA VAL C 9 -13.09 -24.98 -2.53
C VAL C 9 -13.12 -25.07 -1.01
N GLN C 10 -12.07 -24.60 -0.33
CA GLN C 10 -12.06 -24.61 1.13
C GLN C 10 -11.45 -23.34 1.75
N GLU C 11 -12.03 -22.89 2.85
CA GLU C 11 -11.61 -21.65 3.50
C GLU C 11 -10.24 -21.75 4.15
N GLY C 12 -9.41 -20.75 3.90
CA GLY C 12 -8.15 -20.58 4.61
C GLY C 12 -8.48 -19.79 5.86
N ASP C 13 -7.48 -19.53 6.69
CA ASP C 13 -7.72 -18.78 7.93
C ASP C 13 -8.11 -17.33 7.66
N ASN C 14 -7.81 -16.85 6.46
CA ASN C 14 -8.25 -15.53 5.98
C ASN C 14 -7.47 -14.40 6.63
N THR C 15 -6.39 -14.75 7.34
CA THR C 15 -5.54 -13.75 7.96
C THR C 15 -4.09 -13.76 7.44
N THR C 16 -3.64 -14.90 6.94
CA THR C 16 -2.28 -15.02 6.42
C THR C 16 -2.27 -15.06 4.91
N PHE C 17 -1.68 -14.04 4.29
CA PHE C 17 -1.68 -13.92 2.84
C PHE C 17 -0.26 -13.76 2.34
N ALA C 18 0.07 -14.42 1.24
CA ALA C 18 1.41 -14.29 0.68
C ALA C 18 1.59 -12.91 0.01
N LYS C 19 2.80 -12.38 0.11
CA LYS C 19 3.13 -11.07 -0.42
C LYS C 19 4.30 -11.25 -1.37
N PRO C 20 4.47 -10.35 -2.35
CA PRO C 20 5.56 -10.59 -3.29
C PRO C 20 6.92 -10.63 -2.59
N GLY C 21 7.75 -11.62 -2.96
CA GLY C 21 9.02 -11.79 -2.28
C GLY C 21 8.95 -12.68 -1.05
N ASP C 22 7.80 -13.29 -0.82
CA ASP C 22 7.65 -14.21 0.31
C ASP C 22 7.66 -15.63 -0.17
N THR C 23 8.27 -16.51 0.62
CA THR C 23 8.29 -17.93 0.27
C THR C 23 6.96 -18.56 0.65
N VAL C 24 6.49 -19.48 -0.17
CA VAL C 24 5.25 -20.17 0.13
C VAL C 24 5.46 -21.67 0.01
N THR C 25 4.71 -22.46 0.75
CA THR C 25 4.80 -23.90 0.57
C THR C 25 3.43 -24.44 0.19
N ILE C 26 3.40 -25.23 -0.87
CA ILE C 26 2.13 -25.64 -1.48
C ILE C 26 2.10 -27.13 -1.85
N HIS C 27 0.91 -27.72 -1.81
CA HIS C 27 0.71 -29.05 -2.34
C HIS C 27 -0.15 -28.89 -3.56
N TYR C 28 0.34 -29.38 -4.69
CA TYR C 28 -0.36 -29.16 -5.93
C TYR C 28 -0.39 -30.39 -6.79
N ASP C 29 -1.39 -30.45 -7.66
CA ASP C 29 -1.41 -31.34 -8.81
C ASP C 29 -1.68 -30.51 -10.07
N GLY C 30 -0.98 -30.83 -11.15
CA GLY C 30 -1.17 -30.11 -12.39
C GLY C 30 -1.82 -30.97 -13.43
N LYS C 31 -2.87 -30.45 -14.05
CA LYS C 31 -3.63 -31.19 -15.06
C LYS C 31 -3.91 -30.32 -16.28
N LEU C 32 -4.20 -30.95 -17.41
CA LEU C 32 -4.66 -30.23 -18.60
C LEU C 32 -6.17 -30.01 -18.51
N THR C 33 -6.70 -29.25 -19.47
CA THR C 33 -8.13 -28.95 -19.53
C THR C 33 -8.93 -30.24 -19.67
N ASN C 34 -8.32 -31.19 -20.37
CA ASN C 34 -8.86 -32.53 -20.51
C ASN C 34 -8.91 -33.30 -19.19
N GLY C 35 -7.94 -33.06 -18.31
CA GLY C 35 -7.82 -33.82 -17.08
C GLY C 35 -6.71 -34.87 -16.96
N LYS C 36 -5.71 -34.81 -17.84
CA LYS C 36 -4.56 -35.72 -17.76
C LYS C 36 -3.48 -35.08 -16.92
N GLU C 37 -3.14 -35.69 -15.78
CA GLU C 37 -2.21 -35.08 -14.83
C GLU C 37 -0.77 -35.11 -15.34
N PHE C 38 -0.05 -34.02 -15.12
CA PHE C 38 1.37 -33.96 -15.50
C PHE C 38 2.35 -33.81 -14.32
N ASP C 39 1.92 -33.19 -13.23
CA ASP C 39 2.75 -33.16 -12.02
C ASP C 39 1.90 -33.20 -10.74
N SER C 40 2.26 -34.07 -9.78
CA SER C 40 1.75 -33.98 -8.40
C SER C 40 2.83 -34.02 -7.32
N SER C 41 2.86 -32.97 -6.49
CA SER C 41 3.72 -32.89 -5.32
C SER C 41 3.35 -33.94 -4.30
N ARG C 42 2.06 -34.24 -4.20
CA ARG C 42 1.60 -35.24 -3.24
C ARG C 42 2.09 -36.62 -3.60
N LYS C 43 2.03 -36.96 -4.89
CA LYS C 43 2.49 -38.25 -5.35
C LYS C 43 3.97 -38.47 -5.07
N ARG C 44 4.75 -37.39 -5.10
CA ARG C 44 6.19 -37.50 -4.82
C ARG C 44 6.46 -37.34 -3.32
N GLY C 45 5.43 -37.02 -2.55
CA GLY C 45 5.58 -37.07 -1.12
C GLY C 45 6.26 -35.88 -0.46
N LYS C 46 6.70 -34.92 -1.26
CA LYS C 46 7.35 -33.74 -0.69
C LYS C 46 6.57 -32.50 -1.10
N PRO C 47 6.21 -31.65 -0.12
CA PRO C 47 5.53 -30.40 -0.41
C PRO C 47 6.47 -29.44 -1.09
N PHE C 48 5.90 -28.51 -1.84
CA PHE C 48 6.70 -27.63 -2.69
C PHE C 48 6.86 -26.23 -2.11
N THR C 49 8.10 -25.74 -2.08
CA THR C 49 8.41 -24.43 -1.54
C THR C 49 9.03 -23.53 -2.61
N CYS C 50 8.53 -22.30 -2.71
CA CYS C 50 8.98 -21.40 -3.76
C CYS C 50 8.79 -19.93 -3.36
N THR C 51 9.37 -19.01 -4.11
CA THR C 51 9.18 -17.59 -3.85
C THR C 51 8.23 -16.95 -4.85
N VAL C 52 7.27 -16.19 -4.35
CA VAL C 52 6.19 -15.69 -5.21
C VAL C 52 6.31 -14.21 -5.49
N GLY C 53 5.94 -13.83 -6.70
CA GLY C 53 5.97 -12.44 -7.11
C GLY C 53 7.28 -11.95 -7.66
N VAL C 54 8.29 -12.80 -7.77
CA VAL C 54 9.58 -12.34 -8.29
C VAL C 54 9.93 -12.90 -9.66
N GLY C 55 9.01 -13.63 -10.29
CA GLY C 55 9.28 -14.25 -11.57
C GLY C 55 9.96 -15.61 -11.51
N GLN C 56 10.09 -16.16 -10.30
CA GLN C 56 10.67 -17.48 -10.11
C GLN C 56 9.83 -18.57 -10.76
N VAL C 57 8.51 -18.39 -10.76
CA VAL C 57 7.57 -19.42 -11.22
C VAL C 57 6.64 -18.81 -12.26
N ILE C 58 5.76 -19.61 -12.86
CA ILE C 58 4.92 -19.11 -13.94
C ILE C 58 4.00 -17.99 -13.46
N LYS C 59 3.61 -17.11 -14.39
CA LYS C 59 2.97 -15.85 -14.03
C LYS C 59 1.63 -16.05 -13.32
N GLY C 60 0.90 -17.10 -13.66
CA GLY C 60 -0.39 -17.33 -13.06
C GLY C 60 -0.31 -17.56 -11.57
N TRP C 61 0.74 -18.27 -11.14
CA TRP C 61 1.00 -18.46 -9.72
C TRP C 61 1.35 -17.17 -9.00
N ASP C 62 2.17 -16.34 -9.63
CA ASP C 62 2.56 -15.10 -8.99
C ASP C 62 1.37 -14.23 -8.74
N ILE C 63 0.49 -14.11 -9.73
CA ILE C 63 -0.76 -13.37 -9.57
C ILE C 63 -1.75 -13.99 -8.58
N SER C 64 -2.00 -15.28 -8.67
CA SER C 64 -3.01 -15.89 -7.79
C SER C 64 -2.63 -15.86 -6.32
N LEU C 65 -1.40 -16.27 -6.04
CA LEU C 65 -0.84 -16.30 -4.70
C LEU C 65 -0.64 -14.93 -4.05
N THR C 66 -0.28 -13.93 -4.85
CA THR C 66 -0.01 -12.60 -4.30
C THR C 66 -1.21 -11.69 -4.40
N ASN C 67 -2.33 -12.19 -4.90
CA ASN C 67 -3.49 -11.35 -5.19
C ASN C 67 -3.15 -10.21 -6.15
N ASN C 68 -2.49 -10.56 -7.25
CA ASN C 68 -2.03 -9.58 -8.24
C ASN C 68 -1.09 -8.55 -7.64
N TYR C 69 -0.17 -9.01 -6.80
CA TYR C 69 0.89 -8.19 -6.23
C TYR C 69 0.29 -7.18 -5.23
N GLY C 70 -0.94 -7.43 -4.82
CA GLY C 70 -1.63 -6.53 -3.90
C GLY C 70 -2.36 -5.42 -4.64
N LYS C 71 -2.17 -5.40 -5.96
CA LYS C 71 -2.93 -4.50 -6.80
C LYS C 71 -4.40 -4.92 -6.69
N GLY C 72 -4.61 -6.23 -6.57
CA GLY C 72 -5.95 -6.79 -6.54
C GLY C 72 -6.44 -7.07 -7.95
N GLY C 73 -7.57 -7.75 -8.05
CA GLY C 73 -8.18 -8.06 -9.34
C GLY C 73 -9.69 -8.21 -9.27
N ALA C 74 -10.36 -8.06 -10.41
CA ALA C 74 -11.82 -8.20 -10.47
C ALA C 74 -12.17 -9.67 -10.56
N ASN C 75 -12.94 -10.15 -9.57
CA ASN C 75 -13.23 -11.57 -9.45
C ASN C 75 -11.92 -12.35 -9.38
N LEU C 76 -10.97 -11.80 -8.64
CA LEU C 76 -9.79 -12.51 -8.22
C LEU C 76 -9.84 -12.58 -6.70
N PRO C 77 -9.88 -13.79 -6.15
CA PRO C 77 -10.07 -13.91 -4.70
C PRO C 77 -8.77 -14.21 -3.98
N LYS C 78 -8.59 -13.65 -2.79
CA LYS C 78 -7.37 -13.88 -2.03
C LYS C 78 -7.27 -15.33 -1.54
N ILE C 79 -6.05 -15.85 -1.59
CA ILE C 79 -5.76 -17.19 -1.09
C ILE C 79 -4.93 -17.05 0.19
N SER C 80 -5.29 -17.81 1.22
CA SER C 80 -4.64 -17.67 2.50
C SER C 80 -4.16 -19.02 3.00
N LYS C 81 -3.41 -19.03 4.09
CA LYS C 81 -2.85 -20.25 4.62
C LYS C 81 -3.98 -21.23 4.98
N GLY C 82 -3.86 -22.47 4.51
CA GLY C 82 -4.89 -23.48 4.73
C GLY C 82 -6.04 -23.47 3.73
N THR C 83 -6.00 -22.55 2.78
CA THR C 83 -6.98 -22.53 1.69
C THR C 83 -6.71 -23.65 0.70
N LYS C 84 -7.77 -24.24 0.15
CA LYS C 84 -7.65 -25.18 -0.95
C LYS C 84 -8.33 -24.50 -2.13
N ALA C 85 -7.64 -24.40 -3.26
CA ALA C 85 -8.20 -23.67 -4.39
C ALA C 85 -7.83 -24.26 -5.74
N ILE C 86 -8.60 -23.90 -6.76
CA ILE C 86 -8.35 -24.36 -8.11
C ILE C 86 -7.94 -23.17 -8.94
N LEU C 87 -6.80 -23.29 -9.61
CA LEU C 87 -6.29 -22.21 -10.42
C LEU C 87 -6.39 -22.59 -11.87
N THR C 88 -7.10 -21.79 -12.67
CA THR C 88 -7.10 -22.04 -14.10
C THR C 88 -6.31 -20.97 -14.77
N ILE C 89 -5.21 -21.37 -15.39
CA ILE C 89 -4.23 -20.44 -15.93
C ILE C 89 -4.10 -20.56 -17.43
N PRO C 90 -4.35 -19.48 -18.17
CA PRO C 90 -4.19 -19.49 -19.62
C PRO C 90 -2.72 -19.55 -20.00
N PRO C 91 -2.41 -19.92 -21.26
CA PRO C 91 -1.02 -20.15 -21.67
C PRO C 91 -0.10 -18.92 -21.61
N ASN C 92 -0.64 -17.70 -21.75
CA ASN C 92 0.19 -16.50 -21.64
C ASN C 92 0.76 -16.34 -20.24
N LEU C 93 0.01 -16.79 -19.24
CA LEU C 93 0.44 -16.70 -17.86
C LEU C 93 1.03 -18.03 -17.42
N ALA C 94 1.32 -18.90 -18.38
CA ALA C 94 1.93 -20.20 -18.11
C ALA C 94 3.16 -20.38 -18.99
N TYR C 95 3.18 -21.41 -19.83
CA TYR C 95 4.35 -21.67 -20.68
C TYR C 95 4.20 -21.22 -22.12
N GLY C 96 3.05 -20.62 -22.47
CA GLY C 96 2.96 -19.95 -23.75
C GLY C 96 3.03 -20.79 -25.01
N PRO C 97 3.45 -20.15 -26.12
CA PRO C 97 3.50 -20.78 -27.43
C PRO C 97 4.64 -21.80 -27.50
N ARG C 98 5.73 -21.57 -26.79
CA ARG C 98 6.83 -22.52 -26.82
C ARG C 98 6.34 -23.61 -25.86
N GLY C 99 7.21 -24.46 -25.36
CA GLY C 99 6.75 -25.41 -24.38
C GLY C 99 7.87 -25.89 -23.50
N ILE C 100 7.56 -26.80 -22.58
CA ILE C 100 8.58 -27.66 -22.05
C ILE C 100 8.34 -28.99 -22.74
N PRO C 101 9.20 -29.38 -23.69
CA PRO C 101 8.89 -30.63 -24.36
C PRO C 101 9.91 -31.78 -24.19
N GLY C 102 9.41 -33.01 -24.16
CA GLY C 102 7.98 -33.25 -24.21
C GLY C 102 7.43 -33.35 -22.79
N ILE C 103 6.82 -32.28 -22.31
CA ILE C 103 6.24 -32.22 -20.98
C ILE C 103 4.91 -31.53 -21.17
N ILE C 104 4.98 -30.25 -21.49
CA ILE C 104 3.80 -29.43 -21.71
C ILE C 104 3.88 -29.03 -23.17
N GLY C 105 2.75 -28.91 -23.84
CA GLY C 105 2.76 -28.62 -25.26
C GLY C 105 2.08 -27.33 -25.60
N PRO C 106 2.51 -26.70 -26.69
CA PRO C 106 1.84 -25.46 -27.09
C PRO C 106 0.44 -25.69 -27.63
N ASN C 107 -0.52 -24.89 -27.18
CA ASN C 107 -0.37 -24.07 -25.99
C ASN C 107 -1.49 -24.51 -25.06
N GLU C 108 -1.12 -25.01 -23.89
CA GLU C 108 -2.13 -25.56 -23.00
C GLU C 108 -2.45 -24.67 -21.83
N THR C 109 -3.74 -24.49 -21.60
CA THR C 109 -4.20 -23.87 -20.37
C THR C 109 -4.01 -24.90 -19.27
N LEU C 110 -3.44 -24.50 -18.14
CA LEU C 110 -3.16 -25.46 -17.08
C LEU C 110 -4.21 -25.32 -15.98
N VAL C 111 -4.49 -26.43 -15.30
CA VAL C 111 -5.33 -26.38 -14.12
C VAL C 111 -4.50 -26.91 -12.97
N PHE C 112 -4.42 -26.11 -11.92
CA PHE C 112 -3.66 -26.47 -10.72
C PHE C 112 -4.58 -26.54 -9.51
N GLU C 113 -4.45 -27.62 -8.77
CA GLU C 113 -5.14 -27.74 -7.49
C GLU C 113 -4.14 -27.50 -6.39
N VAL C 114 -4.35 -26.47 -5.60
CA VAL C 114 -3.32 -26.08 -4.66
C VAL C 114 -3.87 -26.00 -3.24
N GLU C 115 -3.09 -26.44 -2.28
CA GLU C 115 -3.39 -26.24 -0.89
C GLU C 115 -2.18 -25.55 -0.27
N LEU C 116 -2.40 -24.40 0.37
CA LEU C 116 -1.34 -23.54 0.90
C LEU C 116 -0.99 -23.85 2.37
N LEU C 117 0.12 -24.56 2.56
CA LEU C 117 0.64 -24.89 3.89
C LEU C 117 1.18 -23.71 4.71
N GLY C 118 2.02 -22.87 4.09
CA GLY C 118 2.57 -21.73 4.81
C GLY C 118 3.04 -20.60 3.93
N VAL C 119 3.14 -19.40 4.51
CA VAL C 119 3.83 -18.31 3.85
C VAL C 119 4.87 -17.87 4.87
N ASN C 120 6.12 -17.83 4.44
CA ASN C 120 7.27 -17.52 5.29
C ASN C 120 7.27 -18.39 6.55
N GLY C 121 7.49 -17.75 7.69
CA GLY C 121 7.60 -18.44 8.96
C GLY C 121 6.28 -18.79 9.62
N GLN C 122 5.18 -18.30 9.06
CA GLN C 122 3.86 -18.55 9.64
C GLN C 122 3.00 -19.34 8.67
N GLU D 2 -12.69 -3.21 15.05
CA GLU D 2 -13.39 -4.30 15.75
C GLU D 2 -12.65 -4.62 17.03
N LEU D 3 -12.35 -5.90 17.20
CA LEU D 3 -11.60 -6.38 18.35
C LEU D 3 -10.49 -7.25 17.84
N PRO D 4 -9.42 -7.42 18.62
CA PRO D 4 -8.37 -8.29 18.13
C PRO D 4 -8.88 -9.72 18.12
N GLN D 5 -8.36 -10.54 17.23
CA GLN D 5 -8.70 -11.95 17.27
C GLN D 5 -7.74 -12.66 18.20
N ILE D 6 -8.26 -13.53 19.06
CA ILE D 6 -7.41 -14.27 19.98
C ILE D 6 -7.54 -15.76 19.72
N GLU D 7 -6.41 -16.44 19.60
CA GLU D 7 -6.36 -17.88 19.47
C GLU D 7 -5.58 -18.46 20.65
N ILE D 8 -6.17 -19.43 21.35
CA ILE D 8 -5.53 -20.04 22.49
C ILE D 8 -4.82 -21.31 22.07
N VAL D 9 -3.50 -21.24 21.93
CA VAL D 9 -2.69 -22.42 21.66
C VAL D 9 -2.59 -23.34 22.85
N GLN D 10 -2.29 -22.77 24.01
CA GLN D 10 -2.19 -23.55 25.25
C GLN D 10 -2.94 -22.93 26.43
N GLU D 11 -3.77 -23.75 27.06
CA GLU D 11 -4.57 -23.31 28.18
C GLU D 11 -3.73 -23.05 29.43
N GLY D 12 -4.17 -22.10 30.24
CA GLY D 12 -3.49 -21.72 31.45
C GLY D 12 -4.04 -22.37 32.69
N ASP D 13 -3.79 -21.74 33.84
CA ASP D 13 -4.36 -22.19 35.10
C ASP D 13 -5.88 -22.05 35.09
N ASN D 14 -6.35 -21.01 34.40
CA ASN D 14 -7.76 -20.71 34.13
C ASN D 14 -8.46 -19.99 35.25
N THR D 15 -7.72 -19.67 36.31
CA THR D 15 -8.32 -18.95 37.41
C THR D 15 -7.74 -17.55 37.56
N THR D 16 -6.56 -17.30 37.02
CA THR D 16 -5.95 -16.00 37.22
C THR D 16 -6.06 -15.07 36.01
N PHE D 17 -6.78 -13.96 36.18
CA PHE D 17 -7.01 -13.02 35.08
C PHE D 17 -6.74 -11.58 35.53
N ALA D 18 -6.16 -10.80 34.62
CA ALA D 18 -5.89 -9.39 34.86
C ALA D 18 -7.13 -8.52 34.77
N LYS D 19 -7.04 -7.35 35.41
CA LYS D 19 -8.04 -6.27 35.38
C LYS D 19 -7.31 -5.00 35.01
N PRO D 20 -8.03 -4.00 34.51
CA PRO D 20 -7.39 -2.76 34.08
C PRO D 20 -6.66 -2.12 35.27
N GLY D 21 -5.45 -1.61 35.02
CA GLY D 21 -4.59 -1.06 36.05
C GLY D 21 -3.71 -2.10 36.70
N ASP D 22 -3.89 -3.36 36.34
CA ASP D 22 -3.04 -4.45 36.83
C ASP D 22 -1.73 -4.53 36.06
N THR D 23 -0.71 -5.11 36.69
CA THR D 23 0.58 -5.24 36.03
C THR D 23 0.73 -6.67 35.52
N VAL D 24 1.25 -6.80 34.30
CA VAL D 24 1.45 -8.11 33.69
C VAL D 24 2.87 -8.26 33.18
N THR D 25 3.36 -9.48 33.19
CA THR D 25 4.65 -9.78 32.61
C THR D 25 4.38 -10.71 31.45
N ILE D 26 4.83 -10.33 30.27
CA ILE D 26 4.52 -11.12 29.09
C ILE D 26 5.76 -11.35 28.23
N HIS D 27 5.82 -12.53 27.61
CA HIS D 27 6.81 -12.86 26.62
C HIS D 27 6.06 -12.85 25.31
N TYR D 28 6.58 -12.14 24.32
CA TYR D 28 5.83 -12.01 23.07
C TYR D 28 6.77 -12.10 21.91
N ASP D 29 6.21 -12.47 20.75
CA ASP D 29 6.96 -12.34 19.52
C ASP D 29 6.06 -11.54 18.59
N GLY D 30 6.58 -10.52 17.93
CA GLY D 30 5.73 -9.76 17.05
C GLY D 30 6.07 -9.91 15.57
N LYS D 31 5.08 -10.29 14.77
CA LYS D 31 5.28 -10.50 13.34
C LYS D 31 4.10 -9.95 12.55
N LEU D 32 4.30 -9.80 11.25
CA LEU D 32 3.24 -9.39 10.34
C LEU D 32 2.41 -10.60 9.85
N THR D 33 1.32 -10.32 9.14
CA THR D 33 0.43 -11.36 8.64
C THR D 33 1.16 -12.25 7.64
N ASN D 34 2.17 -11.69 6.97
CA ASN D 34 2.98 -12.52 6.10
C ASN D 34 4.06 -13.24 6.91
N GLY D 35 4.03 -13.04 8.22
CA GLY D 35 4.93 -13.73 9.12
C GLY D 35 6.36 -13.28 9.26
N LYS D 36 6.63 -11.99 9.08
CA LYS D 36 7.99 -11.48 9.26
C LYS D 36 8.09 -10.76 10.57
N GLU D 37 8.99 -11.25 11.42
CA GLU D 37 9.15 -10.76 12.79
C GLU D 37 9.66 -9.33 12.84
N PHE D 38 9.08 -8.51 13.69
CA PHE D 38 9.64 -7.18 13.90
C PHE D 38 10.24 -6.98 15.30
N ASP D 39 9.71 -7.69 16.29
CA ASP D 39 10.25 -7.67 17.64
C ASP D 39 9.94 -8.93 18.42
N SER D 40 10.84 -9.28 19.33
CA SER D 40 10.63 -10.41 20.22
C SER D 40 11.15 -10.09 21.60
N SER D 41 10.31 -10.31 22.62
CA SER D 41 10.78 -10.20 23.99
C SER D 41 11.82 -11.28 24.29
N ARG D 42 11.63 -12.45 23.66
CA ARG D 42 12.47 -13.63 23.86
C ARG D 42 13.91 -13.57 23.33
N LYS D 43 14.11 -13.12 22.10
CA LYS D 43 15.47 -12.95 21.55
C LYS D 43 16.23 -11.90 22.37
N ARG D 44 15.51 -10.88 22.78
CA ARG D 44 15.92 -9.96 23.83
C ARG D 44 15.98 -10.81 25.10
N GLY D 45 16.82 -10.50 26.07
CA GLY D 45 16.87 -11.44 27.18
C GLY D 45 15.86 -11.21 28.28
N LYS D 46 15.07 -10.14 28.21
CA LYS D 46 14.16 -9.79 29.28
C LYS D 46 12.71 -9.81 28.78
N PRO D 47 11.78 -10.41 29.56
CA PRO D 47 10.34 -10.39 29.29
C PRO D 47 9.74 -9.03 29.60
N PHE D 48 8.54 -8.78 29.10
CA PHE D 48 7.94 -7.44 29.14
C PHE D 48 6.88 -7.25 30.22
N THR D 49 7.03 -6.16 30.96
CA THR D 49 6.13 -5.80 32.03
C THR D 49 5.44 -4.47 31.76
N CYS D 50 4.13 -4.44 31.91
CA CYS D 50 3.37 -3.22 31.66
C CYS D 50 2.11 -3.16 32.50
N THR D 51 1.46 -2.01 32.47
CA THR D 51 0.18 -1.87 33.14
C THR D 51 -0.88 -1.88 32.06
N VAL D 52 -1.87 -2.75 32.21
CA VAL D 52 -2.85 -2.94 31.15
C VAL D 52 -4.12 -2.21 31.49
N GLY D 53 -4.85 -1.82 30.45
CA GLY D 53 -6.14 -1.18 30.65
C GLY D 53 -6.05 0.28 30.99
N VAL D 54 -4.84 0.83 31.02
CA VAL D 54 -4.71 2.24 31.35
C VAL D 54 -4.37 3.09 30.11
N GLY D 55 -4.28 2.48 28.93
CA GLY D 55 -3.94 3.26 27.74
C GLY D 55 -2.45 3.49 27.59
N GLN D 56 -1.67 2.78 28.40
CA GLN D 56 -0.21 2.79 28.32
C GLN D 56 0.31 2.16 27.04
N VAL D 57 -0.37 1.10 26.57
CA VAL D 57 0.09 0.29 25.43
C VAL D 57 -1.02 0.23 24.39
N ILE D 58 -0.74 -0.36 23.23
CA ILE D 58 -1.70 -0.26 22.13
C ILE D 58 -3.02 -0.94 22.52
N LYS D 59 -4.11 -0.50 21.92
CA LYS D 59 -5.46 -0.89 22.38
C LYS D 59 -5.69 -2.38 22.29
N GLY D 60 -5.12 -3.00 21.27
CA GLY D 60 -5.32 -4.40 21.03
C GLY D 60 -4.82 -5.22 22.19
N TRP D 61 -3.71 -4.81 22.80
CA TRP D 61 -3.25 -5.43 24.05
C TRP D 61 -4.17 -5.18 25.23
N ASP D 62 -4.63 -3.94 25.35
CA ASP D 62 -5.44 -3.55 26.49
C ASP D 62 -6.74 -4.33 26.51
N ILE D 63 -7.37 -4.46 25.35
CA ILE D 63 -8.59 -5.26 25.22
C ILE D 63 -8.36 -6.76 25.45
N SER D 64 -7.30 -7.33 24.87
CA SER D 64 -7.02 -8.78 24.98
C SER D 64 -6.63 -9.29 26.36
N LEU D 65 -5.72 -8.61 27.02
CA LEU D 65 -5.32 -9.01 28.37
C LEU D 65 -6.40 -8.77 29.44
N THR D 66 -7.28 -7.80 29.23
CA THR D 66 -8.28 -7.49 30.25
C THR D 66 -9.65 -8.04 29.94
N ASN D 67 -9.74 -8.85 28.89
CA ASN D 67 -11.02 -9.30 28.39
C ASN D 67 -12.00 -8.15 28.09
N ASN D 68 -11.54 -7.16 27.34
CA ASN D 68 -12.35 -5.99 26.95
C ASN D 68 -12.86 -5.20 28.14
N TYR D 69 -12.03 -5.06 29.16
CA TYR D 69 -12.34 -4.20 30.31
C TYR D 69 -13.51 -4.79 31.10
N GLY D 70 -14.65 -4.90 30.43
CA GLY D 70 -15.83 -5.49 31.02
C GLY D 70 -16.78 -6.02 29.97
N LYS D 71 -17.55 -7.05 30.37
CA LYS D 71 -18.67 -7.58 29.61
C LYS D 71 -18.17 -8.27 28.33
N GLY D 72 -16.85 -8.26 28.13
CA GLY D 72 -16.27 -9.10 27.10
C GLY D 72 -16.64 -8.74 25.67
N GLY D 73 -16.11 -9.52 24.74
CA GLY D 73 -16.41 -9.36 23.33
C GLY D 73 -16.85 -10.74 22.96
N ALA D 74 -17.64 -10.90 21.90
CA ALA D 74 -18.27 -12.19 21.65
C ALA D 74 -17.28 -13.32 21.41
N ASN D 75 -16.22 -13.02 20.66
CA ASN D 75 -15.25 -14.03 20.27
C ASN D 75 -13.89 -13.85 20.93
N LEU D 76 -13.86 -13.25 22.12
CA LEU D 76 -12.61 -13.11 22.85
C LEU D 76 -12.52 -14.16 23.94
N PRO D 77 -11.59 -15.09 23.79
CA PRO D 77 -11.32 -16.00 24.89
C PRO D 77 -10.54 -15.25 25.94
N LYS D 78 -10.76 -15.57 27.20
CA LYS D 78 -10.03 -14.95 28.29
C LYS D 78 -8.61 -15.48 28.30
N ILE D 79 -7.67 -14.64 28.70
CA ILE D 79 -6.28 -15.06 28.80
C ILE D 79 -5.91 -15.09 30.28
N SER D 80 -5.31 -16.20 30.71
CA SER D 80 -5.01 -16.40 32.12
C SER D 80 -3.51 -16.71 32.29
N LYS D 81 -3.06 -16.71 33.53
CA LYS D 81 -1.64 -16.84 33.78
C LYS D 81 -1.16 -18.21 33.29
N GLY D 82 -0.05 -18.21 32.58
CA GLY D 82 0.48 -19.43 32.00
C GLY D 82 -0.12 -19.78 30.66
N THR D 83 -1.04 -18.96 30.17
CA THR D 83 -1.65 -19.20 28.88
C THR D 83 -0.72 -18.80 27.75
N LYS D 84 -0.77 -19.55 26.66
CA LYS D 84 -0.05 -19.22 25.43
C LYS D 84 -1.10 -18.98 24.33
N ALA D 85 -1.01 -17.82 23.68
CA ALA D 85 -2.03 -17.36 22.72
C ALA D 85 -1.48 -16.53 21.58
N ILE D 86 -2.29 -16.38 20.54
CA ILE D 86 -1.95 -15.48 19.45
C ILE D 86 -2.99 -14.37 19.36
N LEU D 87 -2.53 -13.14 19.36
CA LEU D 87 -3.45 -12.02 19.20
C LEU D 87 -3.22 -11.43 17.83
N THR D 88 -4.29 -11.26 17.06
CA THR D 88 -4.20 -10.53 15.80
C THR D 88 -4.86 -9.19 15.98
N ILE D 89 -4.08 -8.12 15.89
CA ILE D 89 -4.63 -6.81 16.12
C ILE D 89 -4.67 -6.02 14.83
N PRO D 90 -5.87 -5.52 14.47
CA PRO D 90 -5.98 -4.71 13.26
C PRO D 90 -5.31 -3.36 13.44
N PRO D 91 -5.01 -2.67 12.34
CA PRO D 91 -4.22 -1.45 12.40
C PRO D 91 -4.84 -0.35 13.26
N ASN D 92 -6.17 -0.23 13.23
CA ASN D 92 -6.86 0.79 14.01
C ASN D 92 -6.67 0.57 15.51
N LEU D 93 -6.41 -0.68 15.90
CA LEU D 93 -6.15 -1.00 17.30
C LEU D 93 -4.64 -1.06 17.58
N ALA D 94 -3.84 -0.71 16.59
CA ALA D 94 -2.39 -0.73 16.73
C ALA D 94 -1.78 0.66 16.44
N TYR D 95 -0.93 0.75 15.42
CA TYR D 95 -0.26 2.02 15.12
C TYR D 95 -0.89 2.77 13.96
N GLY D 96 -1.99 2.25 13.43
CA GLY D 96 -2.78 2.99 12.48
C GLY D 96 -2.10 3.17 11.14
N PRO D 97 -2.46 4.24 10.41
CA PRO D 97 -1.86 4.68 9.14
C PRO D 97 -0.39 5.10 9.28
N ARG D 98 -0.05 5.83 10.34
CA ARG D 98 1.32 6.27 10.51
C ARG D 98 2.27 5.11 10.76
N GLY D 99 1.90 4.21 11.66
CA GLY D 99 2.81 3.13 12.03
C GLY D 99 3.92 3.71 12.87
N ILE D 100 5.06 3.02 12.96
CA ILE D 100 6.26 3.62 13.52
C ILE D 100 7.41 3.48 12.52
N PRO D 101 8.14 4.58 12.27
CA PRO D 101 9.22 4.52 11.26
C PRO D 101 10.38 3.62 11.67
N GLY D 102 10.82 2.78 10.73
CA GLY D 102 11.94 1.89 10.95
C GLY D 102 11.54 0.53 11.51
N ILE D 103 10.27 0.38 11.91
CA ILE D 103 9.77 -0.89 12.46
C ILE D 103 8.45 -1.36 11.78
N ILE D 104 7.41 -0.56 11.88
CA ILE D 104 6.09 -0.95 11.44
C ILE D 104 5.56 -0.05 10.32
N GLY D 105 4.95 -0.68 9.32
CA GLY D 105 4.39 0.01 8.18
C GLY D 105 3.02 0.63 8.40
N PRO D 106 2.54 1.41 7.43
CA PRO D 106 1.20 1.98 7.46
C PRO D 106 0.11 0.94 7.36
N ASN D 107 -0.93 1.09 8.17
CA ASN D 107 -2.12 0.23 8.12
C ASN D 107 -1.73 -1.22 8.22
N GLU D 108 -0.81 -1.48 9.13
CA GLU D 108 -0.26 -2.79 9.32
C GLU D 108 -1.04 -3.57 10.37
N THR D 109 -1.35 -4.82 10.05
CA THR D 109 -1.97 -5.75 11.00
C THR D 109 -0.88 -6.48 11.73
N LEU D 110 -1.00 -6.56 13.05
CA LEU D 110 0.07 -7.11 13.86
C LEU D 110 -0.31 -8.48 14.43
N VAL D 111 0.64 -9.42 14.45
CA VAL D 111 0.37 -10.71 15.07
C VAL D 111 1.29 -10.93 16.25
N PHE D 112 0.73 -11.30 17.40
CA PHE D 112 1.57 -11.50 18.57
C PHE D 112 1.38 -12.90 19.09
N GLU D 113 2.48 -13.60 19.30
CA GLU D 113 2.43 -14.86 20.00
C GLU D 113 2.80 -14.49 21.42
N VAL D 114 1.91 -14.73 22.36
CA VAL D 114 2.13 -14.28 23.71
C VAL D 114 1.99 -15.38 24.73
N GLU D 115 2.86 -15.35 25.74
CA GLU D 115 2.73 -16.22 26.90
C GLU D 115 2.64 -15.37 28.16
N LEU D 116 1.58 -15.55 28.95
CA LEU D 116 1.38 -14.73 30.14
C LEU D 116 2.07 -15.33 31.37
N LEU D 117 3.27 -14.86 31.67
CA LEU D 117 4.05 -15.35 32.81
C LEU D 117 3.48 -15.02 34.18
N GLY D 118 3.08 -13.79 34.39
CA GLY D 118 2.54 -13.41 35.68
C GLY D 118 1.57 -12.25 35.63
N VAL D 119 0.74 -12.15 36.67
CA VAL D 119 -0.12 -10.99 36.83
C VAL D 119 0.10 -10.47 38.24
N ASN D 120 0.48 -9.22 38.34
CA ASN D 120 0.87 -8.60 39.60
C ASN D 120 2.03 -9.37 40.25
N GLY D 121 1.88 -9.71 41.54
CA GLY D 121 2.89 -10.51 42.23
C GLY D 121 2.45 -11.94 42.49
N GLU E 2 -4.63 21.20 27.61
CA GLU E 2 -5.99 20.67 27.50
C GLU E 2 -6.75 21.32 26.33
N LEU E 3 -6.48 22.60 26.10
CA LEU E 3 -7.12 23.36 25.03
C LEU E 3 -6.09 24.17 24.24
N PRO E 4 -6.34 24.41 22.94
CA PRO E 4 -5.49 25.23 22.07
C PRO E 4 -5.64 26.70 22.36
N GLN E 5 -4.61 27.49 22.11
CA GLN E 5 -4.71 28.95 22.17
C GLN E 5 -5.22 29.46 20.82
N ILE E 6 -6.16 30.40 20.86
CA ILE E 6 -6.67 31.06 19.67
C ILE E 6 -6.52 32.56 19.76
N GLU E 7 -5.93 33.15 18.72
CA GLU E 7 -5.87 34.61 18.56
C GLU E 7 -6.63 34.99 17.29
N ILE E 8 -7.58 35.91 17.39
CA ILE E 8 -8.34 36.35 16.22
C ILE E 8 -7.70 37.58 15.57
N VAL E 9 -6.98 37.39 14.48
CA VAL E 9 -6.41 38.53 13.77
C VAL E 9 -7.46 39.37 13.03
N GLN E 10 -8.36 38.72 12.28
CA GLN E 10 -9.47 39.43 11.64
C GLN E 10 -10.81 38.76 11.89
N GLU E 11 -11.73 39.49 12.50
CA GLU E 11 -13.06 38.94 12.78
C GLU E 11 -13.87 38.80 11.49
N GLY E 12 -14.76 37.82 11.45
CA GLY E 12 -15.64 37.61 10.31
C GLY E 12 -17.07 37.79 10.78
N ASP E 13 -18.05 37.30 10.02
CA ASP E 13 -19.46 37.48 10.40
C ASP E 13 -19.77 36.80 11.72
N ASN E 14 -20.57 37.45 12.55
CA ASN E 14 -21.03 36.89 13.82
C ASN E 14 -21.99 35.69 13.77
N THR E 15 -22.87 35.65 12.76
CA THR E 15 -23.96 34.67 12.73
C THR E 15 -23.63 33.17 12.54
N THR E 16 -22.67 32.84 11.69
CA THR E 16 -22.51 31.43 11.28
C THR E 16 -21.40 30.63 12.00
N PHE E 17 -21.78 29.57 12.70
CA PHE E 17 -20.83 28.74 13.47
C PHE E 17 -20.97 27.27 13.15
N ALA E 18 -19.82 26.60 12.97
CA ALA E 18 -19.85 25.16 12.77
C ALA E 18 -20.21 24.46 14.07
N LYS E 19 -20.92 23.35 13.93
CA LYS E 19 -21.31 22.50 15.04
C LYS E 19 -20.88 21.10 14.64
N PRO E 20 -20.76 20.18 15.61
CA PRO E 20 -20.28 18.86 15.21
C PRO E 20 -21.18 18.23 14.15
N GLY E 21 -20.56 17.63 13.13
CA GLY E 21 -21.25 17.07 11.99
C GLY E 21 -21.40 18.04 10.84
N ASP E 22 -21.04 19.31 11.06
CA ASP E 22 -21.03 20.33 9.98
C ASP E 22 -19.81 20.14 9.10
N THR E 23 -19.79 20.78 7.95
CA THR E 23 -18.63 20.71 7.09
C THR E 23 -18.01 22.11 7.00
N VAL E 24 -16.69 22.19 6.95
CA VAL E 24 -16.05 23.48 6.85
C VAL E 24 -15.02 23.53 5.74
N THR E 25 -14.86 24.69 5.14
CA THR E 25 -13.85 24.92 4.12
C THR E 25 -12.93 26.03 4.61
N ILE E 26 -11.63 25.76 4.58
CA ILE E 26 -10.66 26.66 5.17
C ILE E 26 -9.39 26.82 4.33
N HIS E 27 -8.75 27.98 4.47
CA HIS E 27 -7.46 28.23 3.87
C HIS E 27 -6.47 28.35 5.01
N TYR E 28 -5.36 27.62 4.96
CA TYR E 28 -4.42 27.68 6.07
C TYR E 28 -2.97 27.69 5.61
N ASP E 29 -2.12 28.19 6.49
CA ASP E 29 -0.68 27.95 6.43
C ASP E 29 -0.35 27.32 7.78
N GLY E 30 0.43 26.26 7.76
CA GLY E 30 0.83 25.60 8.99
C GLY E 30 2.32 25.76 9.17
N LYS E 31 2.72 26.18 10.37
CA LYS E 31 4.12 26.46 10.65
C LYS E 31 4.51 25.77 11.93
N LEU E 32 5.80 25.57 12.13
CA LEU E 32 6.28 25.04 13.39
C LEU E 32 6.41 26.16 14.39
N THR E 33 6.66 25.81 15.65
CA THR E 33 6.83 26.79 16.71
C THR E 33 8.12 27.62 16.43
N ASN E 34 9.09 27.03 15.73
CA ASN E 34 10.36 27.71 15.41
C ASN E 34 10.23 28.59 14.14
N GLY E 35 8.99 28.67 13.64
CA GLY E 35 8.63 29.53 12.52
C GLY E 35 8.76 29.04 11.09
N LYS E 36 9.06 27.75 10.91
CA LYS E 36 9.16 27.18 9.56
C LYS E 36 7.83 26.60 9.11
N GLU E 37 7.43 26.93 7.90
CA GLU E 37 6.18 26.41 7.35
C GLU E 37 6.38 24.95 6.95
N PHE E 38 5.44 24.11 7.34
CA PHE E 38 5.46 22.75 6.83
C PHE E 38 4.37 22.51 5.76
N ASP E 39 3.19 23.10 5.91
CA ASP E 39 2.20 23.03 4.84
C ASP E 39 1.32 24.26 4.70
N SER E 40 0.97 24.60 3.46
CA SER E 40 -0.01 25.66 3.18
C SER E 40 -1.12 25.25 2.21
N SER E 41 -2.38 25.45 2.58
CA SER E 41 -3.50 25.23 1.66
C SER E 41 -3.39 26.22 0.51
N ARG E 42 -3.01 27.45 0.85
CA ARG E 42 -2.66 28.48 -0.11
C ARG E 42 -1.30 28.01 -0.59
N LYS E 43 -0.80 28.48 -1.73
CA LYS E 43 0.50 28.01 -2.26
C LYS E 43 0.24 26.68 -2.94
N ARG E 44 -0.99 26.21 -2.75
CA ARG E 44 -1.50 25.01 -3.36
C ARG E 44 -2.75 25.53 -4.03
N GLY E 45 -3.26 24.81 -5.01
CA GLY E 45 -4.47 25.26 -5.67
C GLY E 45 -5.67 25.30 -4.74
N LYS E 46 -5.77 24.30 -3.87
CA LYS E 46 -7.04 23.96 -3.27
C LYS E 46 -7.17 24.25 -1.79
N PRO E 47 -8.30 24.87 -1.41
CA PRO E 47 -8.57 25.06 0.02
C PRO E 47 -8.96 23.72 0.66
N PHE E 48 -8.98 23.64 1.99
CA PHE E 48 -9.22 22.36 2.65
C PHE E 48 -10.62 22.25 3.18
N THR E 49 -11.27 21.14 2.85
CA THR E 49 -12.64 20.88 3.26
C THR E 49 -12.69 19.65 4.13
N CYS E 50 -13.43 19.73 5.23
CA CYS E 50 -13.57 18.59 6.13
C CYS E 50 -14.84 18.72 6.94
N THR E 51 -15.17 17.65 7.67
CA THR E 51 -16.33 17.62 8.57
C THR E 51 -15.74 17.69 9.95
N VAL E 52 -16.27 18.55 10.80
CA VAL E 52 -15.61 18.79 12.08
C VAL E 52 -16.39 18.24 13.26
N GLY E 53 -15.66 17.95 14.33
CA GLY E 53 -16.27 17.40 15.53
C GLY E 53 -16.48 15.89 15.46
N VAL E 54 -15.96 15.26 14.42
CA VAL E 54 -16.15 13.82 14.24
C VAL E 54 -14.88 12.96 14.32
N GLY E 55 -13.73 13.56 14.59
CA GLY E 55 -12.47 12.83 14.57
C GLY E 55 -11.78 12.65 13.21
N GLN E 56 -12.29 13.36 12.19
CA GLN E 56 -11.66 13.36 10.88
C GLN E 56 -10.27 13.99 10.91
N VAL E 57 -10.10 14.98 11.78
CA VAL E 57 -8.91 15.83 11.81
C VAL E 57 -8.34 15.81 13.22
N ILE E 58 -7.16 16.39 13.42
CA ILE E 58 -6.56 16.41 14.74
C ILE E 58 -7.43 17.22 15.68
N LYS E 59 -7.35 16.90 16.97
CA LYS E 59 -8.32 17.37 17.96
C LYS E 59 -8.36 18.89 18.07
N GLY E 60 -7.22 19.53 17.84
CA GLY E 60 -7.10 20.97 17.96
C GLY E 60 -7.99 21.72 16.97
N TRP E 61 -8.10 21.19 15.75
CA TRP E 61 -9.06 21.74 14.78
C TRP E 61 -10.53 21.53 15.20
N ASP E 62 -10.87 20.35 15.69
CA ASP E 62 -12.26 20.06 16.06
C ASP E 62 -12.73 20.98 17.19
N ILE E 63 -11.86 21.15 18.18
CA ILE E 63 -12.09 22.03 19.32
C ILE E 63 -12.14 23.52 18.95
N SER E 64 -11.19 24.00 18.16
CA SER E 64 -11.24 25.43 17.79
C SER E 64 -12.42 25.83 16.91
N LEU E 65 -12.67 25.08 15.83
CA LEU E 65 -13.78 25.39 14.92
C LEU E 65 -15.16 25.20 15.54
N THR E 66 -15.33 24.21 16.40
CA THR E 66 -16.64 23.94 16.99
C THR E 66 -16.82 24.59 18.38
N ASN E 67 -15.87 25.43 18.79
CA ASN E 67 -15.89 26.05 20.12
C ASN E 67 -15.92 25.05 21.25
N ASN E 68 -14.99 24.10 21.26
CA ASN E 68 -14.97 23.06 22.28
C ASN E 68 -16.27 22.33 22.31
N TYR E 69 -16.75 21.97 21.11
CA TYR E 69 -17.95 21.16 20.97
C TYR E 69 -19.16 21.89 21.55
N GLY E 70 -19.12 23.21 21.49
CA GLY E 70 -20.23 24.03 21.91
C GLY E 70 -20.33 24.44 23.37
N LYS E 71 -19.40 24.03 24.21
CA LYS E 71 -19.48 24.41 25.61
C LYS E 71 -18.19 24.98 26.18
N GLY E 72 -17.33 25.54 25.33
CA GLY E 72 -15.99 25.89 25.76
C GLY E 72 -15.66 27.34 25.94
N GLY E 73 -14.81 27.63 26.91
CA GLY E 73 -14.40 29.00 27.18
C GLY E 73 -13.56 29.13 28.45
N ASN E 75 -8.58 33.54 27.61
CA ASN E 75 -9.20 33.27 26.33
C ASN E 75 -10.16 32.03 26.46
N LEU E 76 -10.75 31.45 25.40
CA LEU E 76 -10.51 31.71 23.98
C LEU E 76 -11.78 31.73 23.10
N PRO E 77 -11.69 32.44 21.95
CA PRO E 77 -12.81 32.87 21.11
C PRO E 77 -13.43 31.82 20.20
N LYS E 78 -14.62 32.15 19.72
CA LYS E 78 -15.33 31.37 18.71
C LYS E 78 -14.84 31.69 17.31
N ILE E 79 -15.07 30.79 16.36
CA ILE E 79 -14.70 31.06 14.98
C ILE E 79 -15.94 30.95 14.09
N SER E 80 -16.14 31.97 13.27
CA SER E 80 -17.32 32.06 12.41
C SER E 80 -16.92 32.34 10.96
N LYS E 81 -17.83 32.17 10.01
CA LYS E 81 -17.43 32.26 8.61
C LYS E 81 -16.84 33.63 8.30
N GLY E 82 -15.71 33.60 7.59
CA GLY E 82 -14.90 34.77 7.27
C GLY E 82 -13.90 35.18 8.32
N THR E 83 -13.91 34.52 9.48
CA THR E 83 -12.98 34.81 10.57
C THR E 83 -11.57 34.36 10.22
N LYS E 84 -10.59 35.17 10.59
CA LYS E 84 -9.20 34.79 10.45
C LYS E 84 -8.59 34.78 11.85
N ALA E 85 -8.01 33.64 12.20
CA ALA E 85 -7.52 33.41 13.54
C ALA E 85 -6.21 32.65 13.52
N ILE E 86 -5.51 32.64 14.63
CA ILE E 86 -4.30 31.83 14.74
C ILE E 86 -4.53 30.75 15.78
N LEU E 87 -4.35 29.50 15.43
CA LEU E 87 -4.51 28.47 16.45
C LEU E 87 -3.15 27.91 16.85
N THR E 88 -2.87 27.86 18.14
CA THR E 88 -1.64 27.22 18.60
C THR E 88 -2.03 25.90 19.24
N ILE E 89 -1.58 24.79 18.65
CA ILE E 89 -2.01 23.47 19.10
C ILE E 89 -0.86 22.69 19.74
N PRO E 90 -1.05 22.26 21.00
CA PRO E 90 -0.06 21.48 21.73
C PRO E 90 0.03 20.07 21.15
N PRO E 91 1.14 19.36 21.38
CA PRO E 91 1.39 18.07 20.72
C PRO E 91 0.33 17.05 21.06
N ASN E 92 -0.24 17.17 22.27
CA ASN E 92 -1.31 16.32 22.77
C ASN E 92 -2.59 16.41 21.93
N LEU E 93 -2.81 17.58 21.35
CA LEU E 93 -3.99 17.82 20.54
C LEU E 93 -3.62 17.76 19.06
N ALA E 94 -2.44 17.21 18.79
CA ALA E 94 -1.90 17.08 17.44
C ALA E 94 -1.48 15.64 17.17
N TYR E 95 -0.21 15.43 16.84
CA TYR E 95 0.28 14.09 16.44
C TYR E 95 1.11 13.31 17.46
N GLY E 96 1.30 13.87 18.65
CA GLY E 96 1.90 13.14 19.76
C GLY E 96 3.31 12.62 19.62
N PRO E 97 3.63 11.48 20.24
CA PRO E 97 5.04 11.07 20.14
C PRO E 97 5.54 10.73 18.71
N ARG E 98 4.77 10.01 17.92
CA ARG E 98 5.14 9.61 16.56
C ARG E 98 5.22 10.69 15.49
N GLY E 99 4.28 11.64 15.49
CA GLY E 99 4.25 12.66 14.45
C GLY E 99 3.72 12.11 13.13
N ILE E 100 3.98 12.83 12.05
CA ILE E 100 3.79 12.26 10.71
C ILE E 100 5.14 12.15 10.01
N PRO E 101 5.54 10.92 9.65
CA PRO E 101 6.90 10.74 9.13
C PRO E 101 7.16 11.51 7.86
N GLY E 102 8.25 12.26 7.85
CA GLY E 102 8.70 13.01 6.71
C GLY E 102 8.18 14.43 6.69
N ILE E 103 7.24 14.75 7.58
CA ILE E 103 6.70 16.10 7.65
C ILE E 103 6.85 16.74 9.03
N ILE E 104 6.38 16.01 10.04
CA ILE E 104 6.39 16.45 11.42
C ILE E 104 7.27 15.52 12.22
N GLY E 105 8.10 16.10 13.08
CA GLY E 105 9.05 15.34 13.86
C GLY E 105 8.54 14.88 15.20
N PRO E 106 9.44 14.33 16.03
CA PRO E 106 9.05 13.99 17.39
C PRO E 106 8.59 15.30 18.01
N ASN E 107 7.48 15.23 18.68
CA ASN E 107 6.49 16.29 18.53
C ASN E 107 6.59 17.72 18.95
N GLU E 108 5.87 18.49 18.15
CA GLU E 108 5.85 19.94 18.12
C GLU E 108 4.47 20.46 18.30
N THR E 109 4.44 21.57 19.00
CA THR E 109 3.21 22.31 19.10
C THR E 109 3.10 23.03 17.75
N LEU E 110 1.92 22.99 17.16
CA LEU E 110 1.74 23.47 15.79
C LEU E 110 0.98 24.77 15.76
N VAL E 111 1.44 25.70 14.93
CA VAL E 111 0.74 26.98 14.84
C VAL E 111 0.07 27.09 13.50
N PHE E 112 -1.25 27.34 13.52
CA PHE E 112 -1.99 27.46 12.29
C PHE E 112 -2.63 28.87 12.14
N GLU E 113 -2.37 29.59 11.05
CA GLU E 113 -3.25 30.74 10.76
C GLU E 113 -4.29 30.32 9.73
N VAL E 114 -5.54 30.26 10.19
CA VAL E 114 -6.61 29.68 9.43
C VAL E 114 -7.72 30.70 9.18
N GLU E 115 -8.31 30.58 7.99
CA GLU E 115 -9.47 31.37 7.59
C GLU E 115 -10.66 30.48 7.26
N LEU E 116 -11.80 30.74 7.90
CA LEU E 116 -12.99 29.91 7.74
C LEU E 116 -13.84 30.43 6.59
N LEU E 117 -13.62 29.86 5.41
CA LEU E 117 -14.31 30.28 4.20
C LEU E 117 -15.81 30.01 4.18
N GLY E 118 -16.24 28.86 4.68
CA GLY E 118 -17.66 28.55 4.68
C GLY E 118 -17.99 27.47 5.69
N VAL E 119 -19.21 27.51 6.19
CA VAL E 119 -19.71 26.51 7.14
C VAL E 119 -20.92 25.87 6.51
N ASN E 120 -21.03 24.56 6.68
CA ASN E 120 -22.09 23.77 6.04
C ASN E 120 -22.25 22.44 6.72
N GLU F 1 -11.01 -9.80 3.45
CA GLU F 1 -12.24 -9.58 2.70
C GLU F 1 -13.39 -9.14 3.61
N GLU F 2 -13.63 -7.82 3.68
CA GLU F 2 -14.81 -7.32 4.36
C GLU F 2 -15.99 -7.55 3.44
N LEU F 3 -17.20 -7.55 4.00
CA LEU F 3 -18.40 -7.77 3.23
C LEU F 3 -19.50 -6.74 3.47
N PRO F 4 -20.22 -6.38 2.40
CA PRO F 4 -21.37 -5.49 2.57
C PRO F 4 -22.55 -6.21 3.24
N GLN F 5 -23.39 -5.46 3.94
CA GLN F 5 -24.57 -6.02 4.57
C GLN F 5 -25.76 -5.76 3.67
N ILE F 6 -26.44 -6.82 3.24
CA ILE F 6 -27.62 -6.65 2.42
C ILE F 6 -28.86 -7.03 3.19
N GLU F 7 -29.79 -6.10 3.33
CA GLU F 7 -31.08 -6.37 3.94
C GLU F 7 -32.12 -6.31 2.81
N ILE F 8 -32.90 -7.37 2.63
CA ILE F 8 -33.79 -7.45 1.46
C ILE F 8 -35.25 -7.07 1.77
N VAL F 9 -35.64 -5.85 1.41
CA VAL F 9 -37.02 -5.40 1.59
C VAL F 9 -37.98 -5.93 0.51
N GLN F 10 -37.46 -6.17 -0.69
CA GLN F 10 -38.24 -6.54 -1.88
C GLN F 10 -39.71 -6.15 -1.87
N GLY F 21 -21.90 -9.43 -21.09
CA GLY F 21 -21.31 -8.57 -20.09
C GLY F 21 -22.08 -8.58 -18.78
N ASP F 22 -23.33 -9.02 -18.85
CA ASP F 22 -24.24 -9.08 -17.69
C ASP F 22 -24.48 -7.73 -17.04
N THR F 23 -25.11 -6.85 -17.80
CA THR F 23 -25.48 -5.55 -17.30
C THR F 23 -26.63 -5.63 -16.30
N VAL F 24 -26.87 -4.54 -15.58
CA VAL F 24 -28.01 -4.38 -14.68
C VAL F 24 -28.52 -2.95 -14.73
N THR F 25 -29.84 -2.78 -14.57
CA THR F 25 -30.40 -1.44 -14.50
C THR F 25 -30.91 -1.29 -13.07
N ILE F 26 -30.38 -0.32 -12.35
CA ILE F 26 -30.66 -0.23 -10.92
C ILE F 26 -31.09 1.14 -10.43
N HIS F 27 -31.89 1.13 -9.37
CA HIS F 27 -32.23 2.37 -8.70
C HIS F 27 -31.69 2.39 -7.30
N TYR F 28 -31.20 3.57 -6.92
CA TYR F 28 -30.58 3.69 -5.64
C TYR F 28 -30.70 5.11 -5.14
N ASP F 29 -30.58 5.26 -3.83
CA ASP F 29 -30.24 6.55 -3.24
C ASP F 29 -29.06 6.22 -2.32
N GLY F 30 -28.03 7.06 -2.35
CA GLY F 30 -26.87 6.79 -1.52
C GLY F 30 -26.87 7.75 -0.37
N LYS F 31 -26.77 7.21 0.83
CA LYS F 31 -26.90 8.01 2.02
C LYS F 31 -25.91 7.59 3.07
N LEU F 32 -26.07 8.17 4.25
CA LEU F 32 -25.30 7.79 5.42
C LEU F 32 -26.33 7.63 6.54
N THR F 33 -25.90 7.66 7.80
CA THR F 33 -26.83 7.51 8.92
C THR F 33 -26.11 7.75 10.23
N GLY F 35 -25.39 11.57 8.49
CA GLY F 35 -26.63 10.91 8.12
C GLY F 35 -27.23 11.41 6.82
N LYS F 36 -26.62 12.45 6.26
CA LYS F 36 -27.09 13.09 5.02
C LYS F 36 -26.85 12.25 3.77
N GLU F 37 -27.79 12.30 2.83
CA GLU F 37 -27.65 11.63 1.53
C GLU F 37 -26.81 12.48 0.56
N PHE F 38 -26.10 11.83 -0.36
CA PHE F 38 -25.29 12.49 -1.39
C PHE F 38 -25.84 12.28 -2.83
N ASP F 39 -26.68 11.25 -3.00
CA ASP F 39 -27.33 10.88 -4.25
C ASP F 39 -28.61 10.13 -3.79
N SER F 40 -29.55 9.66 -4.64
CA SER F 40 -29.55 9.67 -6.10
C SER F 40 -30.87 9.45 -6.79
N SER F 41 -30.82 9.63 -8.10
CA SER F 41 -31.59 8.85 -9.03
C SER F 41 -33.08 9.19 -9.06
N ARG F 42 -33.50 10.19 -8.27
CA ARG F 42 -34.84 10.70 -8.44
C ARG F 42 -34.70 11.98 -9.26
N LYS F 43 -33.48 12.24 -9.72
CA LYS F 43 -33.24 13.17 -10.82
C LYS F 43 -33.92 12.51 -12.00
N ARG F 44 -33.82 11.19 -12.01
CA ARG F 44 -34.52 10.31 -12.93
C ARG F 44 -33.99 10.48 -14.35
N GLY F 45 -32.79 11.05 -14.48
CA GLY F 45 -32.18 11.29 -15.78
C GLY F 45 -32.01 9.97 -16.49
N LYS F 46 -31.72 8.93 -15.72
CA LYS F 46 -31.89 7.56 -16.15
C LYS F 46 -31.94 6.66 -14.93
N PRO F 47 -32.49 5.45 -15.10
CA PRO F 47 -32.15 4.47 -14.08
C PRO F 47 -30.69 4.17 -14.23
N PHE F 48 -29.96 3.93 -13.14
CA PHE F 48 -28.55 3.65 -13.33
C PHE F 48 -28.41 2.32 -14.05
N THR F 49 -27.63 2.31 -15.12
CA THR F 49 -27.36 1.07 -15.85
C THR F 49 -25.87 0.84 -15.88
N CYS F 50 -25.44 -0.36 -15.52
CA CYS F 50 -24.01 -0.63 -15.43
C CYS F 50 -23.65 -2.10 -15.55
N THR F 51 -22.36 -2.38 -15.70
CA THR F 51 -21.88 -3.75 -15.83
C THR F 51 -21.20 -4.25 -14.55
N VAL F 52 -21.63 -5.41 -14.05
CA VAL F 52 -21.19 -5.90 -12.75
C VAL F 52 -20.18 -7.05 -12.83
N GLY F 53 -19.34 -7.13 -11.80
CA GLY F 53 -18.34 -8.19 -11.68
C GLY F 53 -17.08 -7.93 -12.47
N VAL F 54 -16.97 -6.75 -13.08
CA VAL F 54 -15.81 -6.43 -13.91
C VAL F 54 -14.92 -5.28 -13.44
N GLY F 55 -15.17 -4.75 -12.25
CA GLY F 55 -14.39 -3.63 -11.72
C GLY F 55 -14.85 -2.25 -12.16
N GLN F 56 -16.00 -2.18 -12.84
CA GLN F 56 -16.59 -0.90 -13.23
C GLN F 56 -17.03 -0.05 -12.04
N VAL F 57 -17.54 -0.69 -10.99
CA VAL F 57 -18.16 0.03 -9.89
C VAL F 57 -17.51 -0.39 -8.60
N ILE F 58 -17.88 0.24 -7.49
CA ILE F 58 -17.21 0.01 -6.21
C ILE F 58 -17.42 -1.43 -5.79
N LYS F 59 -16.52 -1.94 -4.95
CA LYS F 59 -16.45 -3.38 -4.67
C LYS F 59 -17.74 -3.90 -4.04
N GLY F 60 -18.38 -3.08 -3.21
CA GLY F 60 -19.61 -3.48 -2.54
C GLY F 60 -20.74 -3.77 -3.51
N TRP F 61 -20.86 -2.94 -4.54
CA TRP F 61 -21.85 -3.17 -5.58
C TRP F 61 -21.60 -4.43 -6.37
N ASP F 62 -20.35 -4.65 -6.71
CA ASP F 62 -20.02 -5.82 -7.50
C ASP F 62 -20.33 -7.10 -6.73
N ILE F 63 -19.96 -7.14 -5.46
CA ILE F 63 -20.25 -8.28 -4.58
C ILE F 63 -21.74 -8.53 -4.32
N SER F 64 -22.47 -7.49 -3.95
CA SER F 64 -23.89 -7.62 -3.60
C SER F 64 -24.74 -8.08 -4.78
N LEU F 65 -24.52 -7.45 -5.92
CA LEU F 65 -25.18 -7.83 -7.16
C LEU F 65 -24.80 -9.20 -7.72
N THR F 66 -23.53 -9.61 -7.54
CA THR F 66 -23.05 -10.88 -8.12
C THR F 66 -23.09 -12.06 -7.16
N ASN F 67 -23.54 -11.83 -5.93
CA ASN F 67 -23.49 -12.88 -4.90
C ASN F 67 -22.05 -13.35 -4.66
N ASN F 68 -21.15 -12.40 -4.44
CA ASN F 68 -19.72 -12.66 -4.34
C ASN F 68 -19.16 -13.33 -5.60
N TYR F 69 -19.51 -12.76 -6.74
CA TYR F 69 -18.85 -13.01 -8.02
C TYR F 69 -19.09 -14.40 -8.58
N GLY F 70 -20.00 -15.12 -7.94
CA GLY F 70 -20.22 -16.52 -8.28
C GLY F 70 -21.13 -17.15 -7.27
N LYS F 71 -21.00 -18.47 -7.16
CA LYS F 71 -21.98 -19.30 -6.50
C LYS F 71 -22.16 -18.87 -5.03
N GLY F 72 -21.05 -18.40 -4.44
CA GLY F 72 -21.00 -18.04 -3.03
C GLY F 72 -19.72 -18.52 -2.36
N GLY F 73 -19.76 -18.74 -1.06
CA GLY F 73 -20.93 -18.42 -0.25
C GLY F 73 -20.43 -17.43 0.77
N ALA F 74 -21.12 -16.29 0.86
CA ALA F 74 -20.73 -15.24 1.78
C ALA F 74 -21.79 -14.89 2.83
N ASN F 75 -22.72 -15.79 3.08
CA ASN F 75 -23.87 -15.51 3.95
C ASN F 75 -24.57 -14.29 3.40
N LEU F 76 -24.77 -14.31 2.09
CA LEU F 76 -25.26 -13.18 1.34
C LEU F 76 -26.61 -13.47 0.72
N PRO F 77 -27.59 -12.59 0.97
CA PRO F 77 -28.89 -12.79 0.35
C PRO F 77 -28.77 -12.56 -1.16
N LYS F 78 -29.38 -13.46 -1.94
CA LYS F 78 -29.38 -13.30 -3.39
C LYS F 78 -30.31 -12.18 -3.83
N ILE F 79 -29.91 -11.51 -4.92
CA ILE F 79 -30.68 -10.40 -5.47
C ILE F 79 -31.09 -10.76 -6.90
N SER F 80 -32.38 -10.58 -7.17
CA SER F 80 -33.00 -10.92 -8.43
C SER F 80 -33.87 -9.78 -8.92
N LYS F 81 -34.34 -9.85 -10.17
CA LYS F 81 -35.05 -8.74 -10.77
C LYS F 81 -36.28 -8.34 -9.95
N GLY F 82 -36.43 -7.04 -9.71
CA GLY F 82 -37.47 -6.51 -8.86
C GLY F 82 -37.12 -6.42 -7.40
N THR F 83 -35.99 -6.99 -6.99
CA THR F 83 -35.58 -6.96 -5.59
C THR F 83 -35.24 -5.56 -5.13
N LYS F 84 -35.63 -5.24 -3.91
CA LYS F 84 -35.30 -3.95 -3.31
C LYS F 84 -34.56 -4.24 -2.01
N ALA F 85 -33.43 -3.56 -1.80
CA ALA F 85 -32.60 -3.86 -0.64
C ALA F 85 -31.78 -2.66 -0.21
N ILE F 86 -31.29 -2.70 1.02
CA ILE F 86 -30.44 -1.63 1.54
C ILE F 86 -29.05 -2.21 1.74
N LEU F 87 -28.06 -1.58 1.13
CA LEU F 87 -26.69 -2.06 1.19
C LEU F 87 -25.87 -1.17 2.07
N THR F 88 -25.16 -1.78 3.01
CA THR F 88 -24.21 -1.04 3.82
C THR F 88 -22.82 -1.45 3.38
N ILE F 89 -22.06 -0.49 2.87
CA ILE F 89 -20.75 -0.80 2.31
C ILE F 89 -19.64 -0.16 3.13
N PRO F 90 -18.68 -0.96 3.60
CA PRO F 90 -17.53 -0.39 4.29
C PRO F 90 -16.60 0.34 3.32
N PRO F 91 -15.77 1.24 3.85
CA PRO F 91 -14.94 2.11 3.02
C PRO F 91 -14.00 1.33 2.10
N ASN F 92 -13.49 0.19 2.56
CA ASN F 92 -12.60 -0.64 1.76
C ASN F 92 -13.31 -1.18 0.52
N LEU F 93 -14.63 -1.36 0.61
CA LEU F 93 -15.42 -1.84 -0.52
C LEU F 93 -16.02 -0.65 -1.29
N ALA F 94 -15.64 0.56 -0.86
CA ALA F 94 -16.12 1.75 -1.54
C ALA F 94 -14.93 2.61 -1.97
N TYR F 95 -14.90 3.87 -1.50
CA TYR F 95 -13.89 4.82 -1.96
C TYR F 95 -12.67 5.00 -1.04
N GLY F 96 -12.61 4.26 0.06
CA GLY F 96 -11.38 4.19 0.82
C GLY F 96 -10.98 5.45 1.55
N PRO F 97 -9.68 5.60 1.82
CA PRO F 97 -9.08 6.77 2.48
C PRO F 97 -9.24 8.06 1.66
N ARG F 98 -9.08 7.98 0.35
CA ARG F 98 -9.19 9.18 -0.50
C ARG F 98 -10.60 9.75 -0.58
N GLY F 99 -11.57 8.92 -0.92
CA GLY F 99 -12.91 9.40 -1.19
C GLY F 99 -12.94 9.98 -2.58
N ILE F 100 -13.97 10.75 -2.90
CA ILE F 100 -14.03 11.53 -4.14
C ILE F 100 -14.19 12.97 -3.76
N PRO F 101 -13.29 13.85 -4.26
CA PRO F 101 -13.30 15.22 -3.76
C PRO F 101 -14.64 15.86 -4.04
N GLY F 102 -15.15 16.55 -3.03
CA GLY F 102 -16.39 17.29 -3.12
C GLY F 102 -17.66 16.49 -2.95
N ILE F 103 -17.59 15.19 -2.69
CA ILE F 103 -18.82 14.43 -2.49
C ILE F 103 -18.70 13.54 -1.27
N ILE F 104 -17.79 12.56 -1.33
CA ILE F 104 -17.66 11.59 -0.25
C ILE F 104 -16.30 11.76 0.43
N GLY F 105 -16.32 11.76 1.75
CA GLY F 105 -15.17 11.99 2.59
C GLY F 105 -14.25 10.81 2.75
N PRO F 106 -13.12 11.02 3.44
CA PRO F 106 -12.21 9.92 3.71
C PRO F 106 -12.82 8.86 4.61
N ASN F 107 -12.61 7.60 4.23
CA ASN F 107 -12.98 6.45 5.05
C ASN F 107 -14.44 6.40 5.42
N GLU F 108 -15.29 7.02 4.62
CA GLU F 108 -16.72 7.02 4.86
C GLU F 108 -17.33 5.66 4.56
N THR F 109 -18.32 5.29 5.37
CA THR F 109 -19.02 4.04 5.20
C THR F 109 -20.33 4.41 4.54
N LEU F 110 -20.73 3.64 3.54
CA LEU F 110 -21.81 4.09 2.69
C LEU F 110 -23.03 3.19 2.77
N VAL F 111 -24.20 3.82 2.86
CA VAL F 111 -25.45 3.09 2.87
C VAL F 111 -26.21 3.41 1.60
N PHE F 112 -26.56 2.36 0.84
CA PHE F 112 -27.29 2.53 -0.40
C PHE F 112 -28.65 1.87 -0.31
N GLU F 113 -29.70 2.62 -0.60
CA GLU F 113 -31.00 1.97 -0.70
C GLU F 113 -31.19 1.66 -2.17
N VAL F 114 -31.39 0.38 -2.45
CA VAL F 114 -31.22 -0.12 -3.80
C VAL F 114 -32.45 -0.93 -4.22
N GLU F 115 -32.73 -0.93 -5.51
CA GLU F 115 -33.80 -1.69 -6.09
C GLU F 115 -33.28 -2.19 -7.41
N LEU F 116 -33.78 -3.31 -7.92
CA LEU F 116 -33.22 -3.82 -9.16
C LEU F 116 -34.21 -3.92 -10.30
N LEU F 117 -34.20 -2.92 -11.17
CA LEU F 117 -35.02 -2.98 -12.37
C LEU F 117 -34.36 -4.09 -13.15
N GLY F 118 -35.13 -4.93 -13.82
CA GLY F 118 -34.50 -6.12 -14.34
C GLY F 118 -33.52 -5.90 -15.47
N VAL F 119 -32.50 -6.74 -15.53
CA VAL F 119 -31.73 -6.87 -16.75
C VAL F 119 -32.76 -7.48 -17.70
N ASN F 120 -32.69 -7.22 -19.00
CA ASN F 120 -33.90 -7.51 -19.78
C ASN F 120 -34.14 -8.95 -20.17
N GLY F 121 -34.48 -9.77 -19.19
CA GLY F 121 -34.90 -11.15 -19.42
C GLY F 121 -33.86 -12.04 -20.07
N GLU G 1 -16.38 32.19 -33.24
CA GLU G 1 -17.25 31.60 -32.23
C GLU G 1 -16.41 30.56 -31.45
N GLU G 2 -16.94 29.83 -30.46
CA GLU G 2 -18.27 29.95 -29.89
C GLU G 2 -18.20 30.33 -28.42
N LEU G 3 -19.17 31.12 -27.96
CA LEU G 3 -19.08 31.72 -26.64
C LEU G 3 -20.32 31.50 -25.78
N PRO G 4 -20.11 31.31 -24.47
CA PRO G 4 -21.17 31.20 -23.47
C PRO G 4 -21.75 32.58 -23.15
N GLN G 5 -22.99 32.62 -22.65
CA GLN G 5 -23.60 33.88 -22.24
C GLN G 5 -23.41 33.99 -20.73
N ILE G 6 -23.00 35.17 -20.27
CA ILE G 6 -22.85 35.41 -18.83
C ILE G 6 -23.67 36.62 -18.38
N GLU G 7 -24.51 36.42 -17.37
CA GLU G 7 -25.22 37.53 -16.74
C GLU G 7 -24.88 37.63 -15.25
N ILE G 8 -24.37 38.78 -14.81
CA ILE G 8 -23.99 38.99 -13.41
C ILE G 8 -25.23 39.17 -12.54
N VAL G 9 -25.24 38.58 -11.35
CA VAL G 9 -26.30 38.90 -10.40
C VAL G 9 -25.75 39.80 -9.30
N GLN G 10 -24.58 39.45 -8.75
CA GLN G 10 -23.94 40.28 -7.73
C GLN G 10 -22.49 40.62 -8.06
N GLU G 11 -22.18 41.91 -8.12
CA GLU G 11 -20.83 42.38 -8.45
C GLU G 11 -19.88 42.23 -7.25
N GLY G 12 -18.61 41.98 -7.53
CA GLY G 12 -17.65 41.74 -6.47
C GLY G 12 -16.46 42.69 -6.47
N ASP G 13 -15.32 42.15 -6.03
CA ASP G 13 -14.02 42.83 -6.08
C ASP G 13 -13.69 43.00 -7.55
N ASN G 14 -12.98 44.06 -7.91
CA ASN G 14 -12.65 44.31 -9.30
C ASN G 14 -11.20 44.10 -9.75
N THR G 15 -10.24 43.98 -8.82
CA THR G 15 -8.84 43.76 -9.22
C THR G 15 -8.40 42.29 -9.35
N THR G 16 -9.18 41.36 -8.79
CA THR G 16 -8.76 39.95 -8.75
C THR G 16 -9.51 39.04 -9.72
N PHE G 17 -8.77 38.43 -10.63
CA PHE G 17 -9.35 37.59 -11.68
C PHE G 17 -8.54 36.33 -11.96
N ALA G 18 -9.24 35.25 -12.28
CA ALA G 18 -8.57 34.00 -12.60
C ALA G 18 -7.88 34.07 -13.97
N LYS G 19 -6.80 33.32 -14.09
CA LYS G 19 -6.03 33.21 -15.31
C LYS G 19 -5.85 31.74 -15.69
N PRO G 20 -5.57 31.44 -16.96
CA PRO G 20 -5.45 30.02 -17.32
C PRO G 20 -4.31 29.37 -16.53
N GLY G 21 -4.50 28.15 -16.07
CA GLY G 21 -3.50 27.55 -15.21
C GLY G 21 -3.62 28.03 -13.76
N ASP G 22 -4.76 28.62 -13.43
CA ASP G 22 -5.03 29.08 -12.08
C ASP G 22 -6.24 28.35 -11.51
N THR G 23 -6.22 28.10 -10.21
CA THR G 23 -7.31 27.46 -9.50
C THR G 23 -8.44 28.42 -9.20
N VAL G 24 -9.67 27.89 -9.20
CA VAL G 24 -10.86 28.64 -8.76
C VAL G 24 -11.69 27.79 -7.80
N THR G 25 -12.33 28.45 -6.84
CA THR G 25 -13.20 27.78 -5.88
C THR G 25 -14.62 28.31 -6.02
N ILE G 26 -15.57 27.41 -6.27
CA ILE G 26 -16.90 27.86 -6.65
C ILE G 26 -18.02 27.15 -5.90
N HIS G 27 -19.10 27.87 -5.62
CA HIS G 27 -20.33 27.28 -5.12
C HIS G 27 -21.35 27.48 -6.24
N TYR G 28 -21.98 26.40 -6.68
CA TYR G 28 -22.83 26.46 -7.88
C TYR G 28 -24.06 25.56 -7.77
N ASP G 29 -25.07 25.87 -8.56
CA ASP G 29 -26.20 24.97 -8.78
C ASP G 29 -26.37 24.85 -10.29
N GLY G 30 -26.63 23.66 -10.78
CA GLY G 30 -26.74 23.43 -12.21
C GLY G 30 -28.13 23.01 -12.62
N LYS G 31 -28.65 23.67 -13.65
CA LYS G 31 -30.00 23.42 -14.13
C LYS G 31 -30.05 23.32 -15.65
N LEU G 32 -31.12 22.73 -16.15
CA LEU G 32 -31.42 22.76 -17.56
C LEU G 32 -32.16 24.05 -17.88
N THR G 33 -32.42 24.28 -19.17
CA THR G 33 -33.12 25.48 -19.60
C THR G 33 -34.54 25.46 -19.03
N ASN G 34 -35.08 24.26 -18.85
CA ASN G 34 -36.40 24.07 -18.23
C ASN G 34 -36.37 24.33 -16.72
N GLY G 35 -35.18 24.50 -16.17
CA GLY G 35 -35.02 24.82 -14.75
C GLY G 35 -34.97 23.65 -13.77
N LYS G 36 -34.89 22.44 -14.28
CA LYS G 36 -34.76 21.27 -13.41
C LYS G 36 -33.31 21.10 -12.97
N GLU G 37 -33.08 21.07 -11.66
CA GLU G 37 -31.74 20.97 -11.13
C GLU G 37 -31.16 19.58 -11.35
N PHE G 38 -29.91 19.50 -11.78
CA PHE G 38 -29.24 18.22 -11.91
C PHE G 38 -28.12 18.10 -10.90
N ASP G 39 -27.54 19.22 -10.50
CA ASP G 39 -26.53 19.21 -9.45
C ASP G 39 -26.55 20.50 -8.66
N SER G 40 -26.42 20.38 -7.34
CA SER G 40 -26.19 21.55 -6.51
C SER G 40 -25.09 21.33 -5.48
N SER G 41 -24.13 22.25 -5.47
CA SER G 41 -23.06 22.37 -4.47
C SER G 41 -23.45 22.70 -3.05
N ARG G 42 -24.40 23.63 -2.92
CA ARG G 42 -24.85 24.15 -1.64
C ARG G 42 -25.55 23.05 -0.85
N LYS G 43 -26.42 22.29 -1.51
CA LYS G 43 -26.77 20.97 -1.00
C LYS G 43 -25.45 20.28 -1.22
N ARG G 44 -24.92 19.55 -0.24
CA ARG G 44 -23.51 19.20 -0.31
C ARG G 44 -23.16 18.29 -1.50
N GLY G 45 -22.02 18.57 -2.13
CA GLY G 45 -21.54 17.83 -3.31
C GLY G 45 -21.83 18.58 -4.60
N LYS G 46 -20.88 19.40 -5.06
CA LYS G 46 -19.65 19.72 -4.33
C LYS G 46 -19.23 21.19 -4.26
N PRO G 47 -18.67 21.64 -3.12
CA PRO G 47 -18.08 22.98 -3.20
C PRO G 47 -16.93 22.77 -4.13
N PHE G 48 -16.85 23.52 -5.22
CA PHE G 48 -15.99 23.02 -6.26
C PHE G 48 -14.71 23.77 -6.49
N THR G 49 -13.63 23.01 -6.48
CA THR G 49 -12.30 23.54 -6.73
C THR G 49 -11.76 22.84 -7.95
N CYS G 50 -11.26 23.60 -8.89
CA CYS G 50 -10.73 23.05 -10.13
C CYS G 50 -9.71 23.97 -10.72
N THR G 51 -9.05 23.52 -11.78
CA THR G 51 -8.14 24.40 -12.50
C THR G 51 -8.77 24.79 -13.83
N VAL G 52 -9.08 26.08 -13.96
CA VAL G 52 -9.69 26.61 -15.17
C VAL G 52 -8.70 26.88 -16.30
N GLY G 53 -9.16 26.72 -17.53
CA GLY G 53 -8.37 27.09 -18.69
C GLY G 53 -7.39 26.07 -19.24
N VAL G 54 -7.32 24.90 -18.63
CA VAL G 54 -6.42 23.87 -19.14
C VAL G 54 -7.12 22.65 -19.76
N GLY G 55 -8.42 22.77 -20.00
CA GLY G 55 -9.18 21.66 -20.56
C GLY G 55 -9.62 20.62 -19.55
N GLN G 56 -9.44 20.92 -18.27
CA GLN G 56 -9.88 20.05 -17.19
C GLN G 56 -11.40 19.88 -17.14
N VAL G 57 -12.12 20.98 -17.32
CA VAL G 57 -13.56 21.02 -17.11
C VAL G 57 -14.20 21.48 -18.40
N ILE G 58 -15.52 21.53 -18.44
CA ILE G 58 -16.19 21.88 -19.69
C ILE G 58 -15.84 23.29 -20.14
N LYS G 59 -15.90 23.51 -21.44
CA LYS G 59 -15.41 24.74 -22.05
C LYS G 59 -16.16 25.99 -21.57
N GLY G 60 -17.47 25.85 -21.29
CA GLY G 60 -18.23 27.00 -20.84
C GLY G 60 -17.66 27.54 -19.53
N TRP G 61 -17.28 26.64 -18.63
CA TRP G 61 -16.62 27.04 -17.39
C TRP G 61 -15.24 27.62 -17.68
N ASP G 62 -14.50 26.96 -18.56
CA ASP G 62 -13.13 27.33 -18.90
C ASP G 62 -13.03 28.71 -19.55
N ILE G 63 -13.86 28.94 -20.54
CA ILE G 63 -13.93 30.22 -21.23
C ILE G 63 -14.41 31.36 -20.32
N SER G 64 -15.45 31.13 -19.52
CA SER G 64 -16.04 32.13 -18.64
C SER G 64 -15.23 32.67 -17.46
N LEU G 65 -14.68 31.78 -16.63
CA LEU G 65 -13.86 32.18 -15.47
C LEU G 65 -12.55 32.85 -15.88
N THR G 66 -11.93 32.26 -16.88
CA THR G 66 -10.87 32.87 -17.64
C THR G 66 -11.56 33.81 -18.62
N ASN G 67 -10.93 34.87 -19.10
CA ASN G 67 -11.59 35.66 -20.15
C ASN G 67 -11.34 35.19 -21.58
N ASN G 68 -11.83 33.99 -21.93
CA ASN G 68 -11.54 33.44 -23.24
C ASN G 68 -10.03 33.38 -23.44
N TYR G 69 -9.35 32.92 -22.41
CA TYR G 69 -7.90 32.73 -22.39
C TYR G 69 -7.18 34.06 -22.57
N GLY G 70 -7.83 35.10 -22.03
CA GLY G 70 -7.28 36.45 -21.95
C GLY G 70 -7.54 37.29 -23.17
N LYS G 71 -8.00 36.66 -24.23
CA LYS G 71 -8.36 37.36 -25.46
C LYS G 71 -9.51 38.33 -25.21
N GLY G 72 -10.41 37.92 -24.33
CA GLY G 72 -11.54 38.74 -23.96
C GLY G 72 -12.63 38.49 -24.97
N GLY G 73 -13.84 38.96 -24.66
CA GLY G 73 -14.92 38.79 -25.59
C GLY G 73 -16.00 39.83 -25.44
N ALA G 74 -16.75 40.03 -26.51
CA ALA G 74 -17.92 40.87 -26.47
C ALA G 74 -19.02 39.98 -25.89
N ASN G 75 -19.77 40.50 -24.92
CA ASN G 75 -20.86 39.93 -24.07
C ASN G 75 -20.20 39.11 -22.97
N LEU G 76 -18.88 39.19 -22.85
CA LEU G 76 -18.20 38.48 -21.78
C LEU G 76 -17.69 39.42 -20.69
N PRO G 77 -18.43 39.50 -19.57
CA PRO G 77 -18.04 40.24 -18.36
C PRO G 77 -16.98 39.45 -17.62
N LYS G 78 -16.02 40.14 -17.00
CA LYS G 78 -15.02 39.47 -16.22
C LYS G 78 -15.59 38.99 -14.89
N ILE G 79 -15.37 37.72 -14.55
CA ILE G 79 -15.83 37.22 -13.25
C ILE G 79 -14.72 37.42 -12.22
N SER G 80 -15.09 37.85 -11.03
CA SER G 80 -14.13 38.20 -9.98
C SER G 80 -14.49 37.53 -8.67
N LYS G 81 -13.57 37.53 -7.71
CA LYS G 81 -13.89 36.91 -6.44
C LYS G 81 -15.10 37.65 -5.87
N GLY G 82 -16.06 36.88 -5.38
CA GLY G 82 -17.27 37.42 -4.80
C GLY G 82 -18.33 37.76 -5.86
N THR G 83 -17.95 37.66 -7.13
CA THR G 83 -18.90 37.88 -8.22
C THR G 83 -19.90 36.75 -8.25
N LYS G 84 -21.16 37.09 -8.51
CA LYS G 84 -22.20 36.09 -8.72
C LYS G 84 -22.72 36.29 -10.12
N ALA G 85 -22.78 35.21 -10.89
CA ALA G 85 -23.20 35.30 -12.27
C ALA G 85 -23.96 34.05 -12.68
N ILE G 86 -24.74 34.18 -13.74
CA ILE G 86 -25.40 33.02 -14.33
C ILE G 86 -24.82 32.80 -15.71
N LEU G 87 -24.32 31.60 -15.95
CA LEU G 87 -23.71 31.28 -17.23
C LEU G 87 -24.60 30.30 -17.97
N THR G 88 -24.85 30.59 -19.23
CA THR G 88 -25.61 29.69 -20.08
C THR G 88 -24.66 29.07 -21.09
N ILE G 89 -24.51 27.75 -21.02
CA ILE G 89 -23.55 27.06 -21.84
C ILE G 89 -24.25 26.22 -22.88
N PRO G 90 -23.91 26.47 -24.15
CA PRO G 90 -24.44 25.68 -25.28
C PRO G 90 -23.86 24.28 -25.28
N PRO G 91 -24.51 23.34 -25.98
CA PRO G 91 -24.16 21.92 -25.91
C PRO G 91 -22.73 21.61 -26.35
N ASN G 92 -22.21 22.34 -27.33
CA ASN G 92 -20.81 22.18 -27.77
C ASN G 92 -19.78 22.60 -26.74
N LEU G 93 -20.16 23.55 -25.89
CA LEU G 93 -19.26 24.05 -24.86
C LEU G 93 -19.41 23.22 -23.59
N ALA G 94 -20.25 22.19 -23.67
CA ALA G 94 -20.56 21.34 -22.52
C ALA G 94 -20.28 19.87 -22.84
N TYR G 95 -21.28 19.00 -22.66
CA TYR G 95 -21.10 17.56 -22.87
C TYR G 95 -21.50 17.06 -24.27
N GLY G 96 -21.99 17.97 -25.10
CA GLY G 96 -22.23 17.64 -26.50
C GLY G 96 -23.31 16.61 -26.74
N PRO G 97 -23.15 15.85 -27.83
CA PRO G 97 -24.09 14.82 -28.28
C PRO G 97 -24.23 13.62 -27.33
N ARG G 98 -23.13 13.10 -26.82
CA ARG G 98 -23.20 11.99 -25.88
C ARG G 98 -23.76 12.34 -24.51
N GLY G 99 -23.33 13.44 -23.92
CA GLY G 99 -23.75 13.79 -22.58
C GLY G 99 -23.07 12.91 -21.54
N ILE G 100 -23.62 12.89 -20.32
CA ILE G 100 -23.21 11.92 -19.31
C ILE G 100 -24.39 11.02 -18.93
N PRO G 101 -24.22 9.70 -19.04
CA PRO G 101 -25.35 8.79 -18.80
C PRO G 101 -25.93 8.92 -17.39
N GLY G 102 -27.26 9.02 -17.34
CA GLY G 102 -28.01 9.05 -16.10
C GLY G 102 -28.15 10.42 -15.47
N ILE G 103 -27.43 11.41 -16.00
CA ILE G 103 -27.56 12.77 -15.51
C ILE G 103 -27.89 13.76 -16.62
N ILE G 104 -27.05 13.80 -17.66
CA ILE G 104 -27.20 14.77 -18.74
C ILE G 104 -27.50 14.11 -20.08
N GLY G 105 -28.54 14.61 -20.74
CA GLY G 105 -28.98 14.09 -22.02
C GLY G 105 -28.18 14.63 -23.18
N PRO G 106 -28.44 14.09 -24.38
CA PRO G 106 -27.79 14.58 -25.59
C PRO G 106 -28.18 16.02 -25.95
N ASN G 107 -27.17 16.81 -26.30
CA ASN G 107 -27.33 18.17 -26.81
C ASN G 107 -27.96 19.14 -25.82
N GLU G 108 -27.78 18.87 -24.54
CA GLU G 108 -28.35 19.73 -23.53
C GLU G 108 -27.61 21.05 -23.33
N THR G 109 -28.38 22.13 -23.20
CA THR G 109 -27.84 23.45 -22.89
C THR G 109 -27.88 23.65 -21.39
N LEU G 110 -26.80 24.12 -20.80
CA LEU G 110 -26.70 24.11 -19.35
C LEU G 110 -26.67 25.51 -18.79
N VAL G 111 -27.34 25.69 -17.65
CA VAL G 111 -27.31 26.96 -16.95
C VAL G 111 -26.68 26.76 -15.58
N PHE G 112 -25.67 27.57 -15.29
CA PHE G 112 -24.97 27.47 -14.02
C PHE G 112 -25.07 28.78 -13.23
N GLU G 113 -25.64 28.70 -12.03
CA GLU G 113 -25.68 29.86 -11.16
C GLU G 113 -24.52 29.73 -10.19
N VAL G 114 -23.57 30.65 -10.29
CA VAL G 114 -22.29 30.44 -9.62
C VAL G 114 -21.85 31.60 -8.73
N GLU G 115 -21.17 31.23 -7.65
CA GLU G 115 -20.50 32.18 -6.78
C GLU G 115 -19.02 31.80 -6.74
N LEU G 116 -18.14 32.74 -7.07
CA LEU G 116 -16.70 32.43 -7.11
C LEU G 116 -16.08 32.74 -5.76
N LEU G 117 -15.84 31.68 -4.99
CA LEU G 117 -15.34 31.79 -3.61
C LEU G 117 -13.92 32.32 -3.52
N GLY G 118 -13.02 31.78 -4.33
CA GLY G 118 -11.62 32.20 -4.27
C GLY G 118 -10.87 31.98 -5.56
N VAL G 119 -9.73 32.66 -5.69
CA VAL G 119 -8.83 32.46 -6.81
C VAL G 119 -7.39 32.34 -6.30
N ASN G 120 -6.57 31.59 -7.01
CA ASN G 120 -5.16 31.36 -6.66
C ASN G 120 -4.38 30.92 -7.90
N GLY G 121 -3.18 30.40 -7.70
CA GLY G 121 -2.37 29.93 -8.80
C GLY G 121 -2.56 28.46 -9.06
N GLN H 5 25.07 -48.54 -14.53
CA GLN H 5 25.39 -49.56 -15.52
C GLN H 5 24.19 -49.88 -16.39
N ILE H 6 24.38 -50.79 -17.34
CA ILE H 6 23.34 -51.21 -18.27
C ILE H 6 23.19 -52.73 -18.29
N GLU H 7 21.95 -53.19 -18.36
CA GLU H 7 21.67 -54.61 -18.54
C GLU H 7 20.68 -54.72 -19.68
N ILE H 8 20.97 -55.59 -20.63
CA ILE H 8 20.16 -55.74 -21.84
C ILE H 8 19.01 -56.74 -21.67
N VAL H 9 17.81 -56.24 -21.37
CA VAL H 9 16.65 -57.11 -21.29
C VAL H 9 16.16 -57.60 -22.67
N GLN H 10 15.97 -56.70 -23.63
CA GLN H 10 15.69 -57.03 -25.02
C GLN H 10 16.49 -56.15 -25.98
N GLU H 11 17.41 -56.71 -26.77
CA GLU H 11 18.21 -55.86 -27.63
C GLU H 11 17.86 -56.12 -29.09
N ALA H 18 22.15 -43.61 -30.37
CA ALA H 18 22.42 -43.17 -31.73
C ALA H 18 23.80 -42.52 -31.81
N LYS H 19 23.95 -41.58 -32.74
CA LYS H 19 25.19 -40.82 -32.86
C LYS H 19 25.24 -39.75 -31.78
N PRO H 20 26.44 -39.27 -31.43
CA PRO H 20 26.52 -38.38 -30.26
C PRO H 20 25.71 -37.08 -30.44
N GLY H 21 25.70 -36.46 -31.60
CA GLY H 21 24.90 -35.26 -31.76
C GLY H 21 23.49 -35.56 -32.23
N ASP H 22 23.21 -36.85 -32.41
CA ASP H 22 21.91 -37.28 -32.90
C ASP H 22 20.85 -37.09 -31.82
N THR H 23 19.59 -37.29 -32.21
CA THR H 23 18.48 -37.11 -31.30
C THR H 23 17.89 -38.48 -31.00
N VAL H 24 17.65 -38.74 -29.72
CA VAL H 24 17.06 -40.00 -29.31
C VAL H 24 15.69 -39.72 -28.75
N THR H 25 14.77 -40.66 -28.91
CA THR H 25 13.48 -40.55 -28.23
C THR H 25 13.37 -41.71 -27.23
N ILE H 26 13.35 -41.40 -25.95
CA ILE H 26 13.40 -42.44 -24.94
C ILE H 26 12.10 -42.46 -24.14
N HIS H 27 11.59 -43.66 -23.85
CA HIS H 27 10.53 -43.79 -22.88
C HIS H 27 11.14 -44.38 -21.61
N TYR H 28 10.90 -43.74 -20.47
CA TYR H 28 11.55 -44.15 -19.23
C TYR H 28 10.71 -43.99 -17.99
N ASP H 29 11.12 -44.68 -16.93
CA ASP H 29 10.74 -44.30 -15.58
C ASP H 29 12.04 -44.31 -14.77
N GLY H 30 12.18 -43.43 -13.80
CA GLY H 30 13.40 -43.37 -13.02
C GLY H 30 13.24 -43.61 -11.54
N LYS H 31 14.09 -44.46 -10.98
CA LYS H 31 13.98 -44.84 -9.57
C LYS H 31 15.30 -44.77 -8.83
N LEU H 32 15.17 -44.70 -7.50
CA LEU H 32 16.29 -44.85 -6.60
C LEU H 32 16.49 -46.33 -6.34
N THR H 33 17.56 -46.67 -5.63
CA THR H 33 17.96 -48.05 -5.42
C THR H 33 16.96 -48.86 -4.63
N ASN H 34 16.20 -48.20 -3.76
CA ASN H 34 15.22 -48.91 -2.95
C ASN H 34 13.94 -49.18 -3.74
N GLY H 35 13.92 -48.80 -5.01
CA GLY H 35 12.79 -48.99 -5.91
C GLY H 35 11.71 -47.92 -5.87
N LYS H 36 11.95 -46.84 -5.14
CA LYS H 36 11.02 -45.72 -5.14
C LYS H 36 11.18 -44.93 -6.44
N GLU H 37 10.04 -44.52 -7.01
CA GLU H 37 9.98 -43.95 -8.34
C GLU H 37 9.82 -42.43 -8.39
N PHE H 38 10.92 -41.73 -8.63
CA PHE H 38 10.90 -40.28 -8.87
C PHE H 38 10.23 -39.80 -10.19
N ASP H 39 10.55 -40.41 -11.33
CA ASP H 39 9.98 -39.95 -12.61
C ASP H 39 9.65 -41.00 -13.63
N SER H 40 8.50 -40.85 -14.30
CA SER H 40 8.24 -41.64 -15.50
C SER H 40 7.61 -40.83 -16.63
N SER H 41 8.31 -40.66 -17.75
CA SER H 41 7.71 -40.06 -18.94
C SER H 41 6.58 -40.95 -19.46
N ARG H 42 6.84 -42.26 -19.39
CA ARG H 42 5.93 -43.26 -19.92
C ARG H 42 4.58 -43.32 -19.23
N LYS H 43 4.59 -43.23 -17.90
CA LYS H 43 3.36 -43.35 -17.14
C LYS H 43 2.35 -42.29 -17.54
N ARG H 44 2.81 -41.05 -17.67
CA ARG H 44 1.90 -39.98 -18.07
C ARG H 44 2.35 -39.36 -19.40
N GLY H 45 1.40 -39.21 -20.32
CA GLY H 45 1.63 -38.62 -21.62
C GLY H 45 2.51 -39.42 -22.58
N LYS H 46 3.64 -38.84 -22.97
CA LYS H 46 4.38 -39.26 -24.16
C LYS H 46 5.93 -39.35 -23.99
N PRO H 47 6.64 -39.95 -24.99
CA PRO H 47 8.09 -40.20 -24.86
C PRO H 47 8.96 -38.95 -24.87
N PHE H 48 10.17 -39.12 -24.33
CA PHE H 48 11.09 -38.04 -24.11
C PHE H 48 12.18 -38.01 -25.17
N THR H 49 12.34 -36.84 -25.78
CA THR H 49 13.21 -36.63 -26.93
C THR H 49 14.30 -35.63 -26.55
N CYS H 50 15.53 -35.94 -26.93
CA CYS H 50 16.66 -35.14 -26.49
C CYS H 50 17.91 -35.28 -27.34
N THR H 51 18.91 -34.50 -26.96
CA THR H 51 20.21 -34.44 -27.64
C THR H 51 21.22 -35.02 -26.66
N VAL H 52 22.12 -35.87 -27.16
CA VAL H 52 23.03 -36.60 -26.28
C VAL H 52 24.48 -36.14 -26.42
N GLY H 53 25.22 -36.12 -25.31
CA GLY H 53 26.64 -35.84 -25.35
C GLY H 53 26.98 -34.37 -25.27
N VAL H 54 25.95 -33.54 -25.36
CA VAL H 54 26.13 -32.09 -25.44
C VAL H 54 26.03 -31.45 -24.06
N GLY H 55 25.86 -32.29 -23.04
CA GLY H 55 25.67 -31.81 -21.68
C GLY H 55 24.23 -31.46 -21.39
N GLN H 56 23.35 -31.66 -22.37
CA GLN H 56 21.92 -31.39 -22.20
C GLN H 56 21.32 -32.32 -21.16
N VAL H 57 21.82 -33.55 -21.09
CA VAL H 57 21.31 -34.53 -20.14
C VAL H 57 22.51 -35.02 -19.32
N ILE H 58 22.23 -35.65 -18.18
CA ILE H 58 23.31 -36.09 -17.30
C ILE H 58 24.20 -37.12 -18.00
N LYS H 59 25.47 -37.13 -17.61
CA LYS H 59 26.49 -37.86 -18.36
C LYS H 59 26.33 -39.38 -18.35
N GLY H 60 25.55 -39.91 -17.42
CA GLY H 60 25.29 -41.34 -17.39
C GLY H 60 24.56 -41.80 -18.64
N TRP H 61 23.54 -41.03 -19.05
CA TRP H 61 22.82 -41.29 -20.28
C TRP H 61 23.71 -41.12 -21.50
N ASP H 62 24.53 -40.07 -21.45
CA ASP H 62 25.40 -39.67 -22.55
C ASP H 62 26.41 -40.77 -22.85
N ILE H 63 26.96 -41.37 -21.80
CA ILE H 63 27.81 -42.53 -22.00
C ILE H 63 27.00 -43.69 -22.57
N SER H 64 25.81 -43.92 -22.01
CA SER H 64 25.05 -45.12 -22.36
C SER H 64 24.59 -45.22 -23.80
N LEU H 65 23.90 -44.20 -24.28
CA LEU H 65 23.45 -44.16 -25.68
C LEU H 65 24.56 -43.97 -26.74
N THR H 66 25.50 -43.06 -26.49
CA THR H 66 26.60 -42.83 -27.43
C THR H 66 27.65 -43.95 -27.40
N ASN H 67 28.07 -44.31 -26.18
CA ASN H 67 29.23 -45.16 -25.91
C ASN H 67 30.53 -44.47 -26.31
N ASN H 68 30.41 -43.28 -26.90
CA ASN H 68 31.56 -42.47 -27.32
C ASN H 68 32.51 -43.26 -28.21
N TYR H 69 31.93 -43.92 -29.22
CA TYR H 69 32.67 -44.67 -30.24
C TYR H 69 33.75 -45.57 -29.66
N PRO H 77 26.94 -52.82 -22.92
CA PRO H 77 26.90 -52.96 -24.38
C PRO H 77 26.33 -51.75 -25.10
N LYS H 78 25.76 -52.01 -26.28
CA LYS H 78 25.23 -50.96 -27.14
C LYS H 78 23.68 -51.00 -27.20
N ILE H 79 23.07 -49.82 -27.10
CA ILE H 79 21.62 -49.72 -27.16
C ILE H 79 21.22 -49.30 -28.58
N SER H 80 20.22 -49.98 -29.11
CA SER H 80 19.78 -49.81 -30.49
C SER H 80 18.27 -49.66 -30.56
N LYS H 81 17.75 -49.36 -31.74
CA LYS H 81 16.34 -49.07 -31.84
C LYS H 81 15.54 -50.27 -31.34
N GLY H 82 14.53 -50.01 -30.52
CA GLY H 82 13.67 -51.06 -29.99
C GLY H 82 14.24 -51.79 -28.78
N THR H 83 15.44 -51.38 -28.34
CA THR H 83 16.09 -51.96 -27.17
C THR H 83 15.35 -51.65 -25.88
N LYS H 84 15.35 -52.61 -24.96
CA LYS H 84 14.90 -52.33 -23.61
C LYS H 84 16.08 -52.59 -22.69
N ALA H 85 16.47 -51.59 -21.92
CA ALA H 85 17.60 -51.73 -21.03
C ALA H 85 17.31 -51.05 -19.70
N ILE H 86 18.03 -51.47 -18.66
CA ILE H 86 17.91 -50.86 -17.34
C ILE H 86 19.17 -50.06 -17.10
N LEU H 87 19.02 -48.80 -16.71
CA LEU H 87 20.19 -47.96 -16.50
C LEU H 87 20.39 -47.72 -15.02
N THR H 88 21.55 -48.10 -14.50
CA THR H 88 21.88 -47.77 -13.11
C THR H 88 22.94 -46.68 -13.14
N ILE H 89 22.59 -45.49 -12.65
CA ILE H 89 23.50 -44.36 -12.73
C ILE H 89 23.88 -43.93 -11.32
N PRO H 90 25.21 -43.87 -11.05
CA PRO H 90 25.80 -43.58 -9.73
C PRO H 90 25.53 -42.13 -9.31
N PRO H 91 25.77 -41.78 -8.02
CA PRO H 91 25.38 -40.43 -7.60
C PRO H 91 26.10 -39.35 -8.42
N ASN H 92 27.37 -39.57 -8.75
CA ASN H 92 28.08 -38.69 -9.66
C ASN H 92 27.43 -38.90 -11.01
N LEU H 93 27.63 -38.00 -11.97
CA LEU H 93 26.89 -38.06 -13.25
C LEU H 93 25.41 -37.83 -12.95
N ALA H 94 25.16 -36.99 -11.94
CA ALA H 94 23.84 -36.56 -11.46
C ALA H 94 24.02 -35.90 -10.09
N PRO H 97 24.80 -35.81 -3.55
CA PRO H 97 25.17 -34.42 -3.28
C PRO H 97 23.98 -33.64 -2.72
N ARG H 98 23.93 -32.35 -3.00
CA ARG H 98 22.73 -31.59 -2.75
C ARG H 98 21.65 -32.11 -3.69
N GLY H 99 22.01 -32.32 -4.95
CA GLY H 99 21.09 -32.87 -5.92
C GLY H 99 20.02 -31.86 -6.29
N ILE H 100 19.02 -32.28 -7.06
CA ILE H 100 17.86 -31.44 -7.23
C ILE H 100 17.18 -31.47 -5.87
N PRO H 101 16.92 -30.29 -5.30
CA PRO H 101 16.38 -30.29 -3.93
C PRO H 101 14.98 -30.87 -3.82
N GLY H 102 14.09 -30.47 -4.72
CA GLY H 102 12.69 -30.83 -4.62
C GLY H 102 12.40 -32.32 -4.70
N ILE H 103 13.10 -33.03 -5.57
CA ILE H 103 12.78 -34.44 -5.80
C ILE H 103 13.79 -35.47 -5.27
N ILE H 104 15.09 -35.28 -5.51
CA ILE H 104 16.04 -36.28 -5.03
C ILE H 104 17.28 -35.72 -4.32
N GLY H 105 17.25 -35.85 -3.00
CA GLY H 105 18.44 -35.65 -2.20
C GLY H 105 18.25 -36.27 -0.82
N PRO H 106 19.35 -36.79 -0.25
CA PRO H 106 20.69 -36.56 -0.78
C PRO H 106 21.36 -37.86 -1.26
N ASN H 107 22.38 -37.75 -2.11
CA ASN H 107 23.34 -38.83 -2.36
C ASN H 107 22.77 -40.18 -2.80
N GLU H 108 21.79 -40.17 -3.68
CA GLU H 108 21.24 -41.44 -4.16
C GLU H 108 21.70 -41.85 -5.56
N THR H 109 21.91 -43.15 -5.75
CA THR H 109 22.18 -43.74 -7.05
C THR H 109 20.86 -43.86 -7.82
N LEU H 110 20.92 -43.87 -9.15
CA LEU H 110 19.70 -43.69 -9.93
C LEU H 110 19.46 -44.85 -10.90
N VAL H 111 18.20 -45.28 -10.97
CA VAL H 111 17.84 -46.37 -11.86
C VAL H 111 16.87 -45.88 -12.92
N PHE H 112 17.21 -46.11 -14.19
CA PHE H 112 16.28 -45.71 -15.26
C PHE H 112 15.90 -46.92 -16.09
N GLU H 113 14.62 -47.02 -16.44
CA GLU H 113 14.15 -48.13 -17.28
C GLU H 113 13.97 -47.53 -18.65
N VAL H 114 14.71 -48.02 -19.64
CA VAL H 114 14.77 -47.37 -20.94
C VAL H 114 14.39 -48.23 -22.14
N GLU H 115 13.52 -47.68 -22.98
CA GLU H 115 13.31 -48.20 -24.32
C GLU H 115 13.68 -47.10 -25.30
N LEU H 116 14.63 -47.40 -26.17
CA LEU H 116 15.08 -46.44 -27.18
C LEU H 116 14.14 -46.58 -28.38
N LEU H 117 12.95 -45.99 -28.26
CA LEU H 117 11.95 -46.06 -29.31
C LEU H 117 12.32 -45.38 -30.62
N GLY H 118 13.15 -44.35 -30.56
CA GLY H 118 13.42 -43.61 -31.78
C GLY H 118 14.78 -43.01 -32.08
N VAL H 119 15.29 -43.36 -33.26
CA VAL H 119 16.22 -42.52 -34.01
C VAL H 119 15.89 -42.65 -35.50
C1 FK5 I . 18.30 7.34 20.17
C2 FK5 I . 19.47 6.45 19.73
C3 FK5 I . 20.36 7.16 18.70
C4 FK5 I . 19.73 7.14 17.31
C5 FK5 I . 19.31 5.75 16.85
C6 FK5 I . 18.40 5.07 17.85
C8 FK5 I . 19.42 4.03 19.81
C9 FK5 I . 19.19 2.78 19.25
C10 FK5 I . 17.95 1.99 19.62
C11 FK5 I . 17.68 2.17 21.11
C12 FK5 I . 16.24 1.85 21.53
C13 FK5 I . 15.26 2.40 20.50
C14 FK5 I . 15.67 1.84 19.16
C15 FK5 I . 14.69 2.13 18.05
C16 FK5 I . 14.36 3.62 17.98
C17 FK5 I . 13.90 4.05 16.61
C18 FK5 I . 12.42 3.72 16.46
C19 FK5 I . 11.57 4.78 17.15
C20 FK5 I . 11.14 4.62 18.54
C21 FK5 I . 10.48 5.79 19.19
C22 FK5 I . 11.48 6.57 19.99
C23 FK5 I . 12.29 7.69 19.36
C24 FK5 I . 13.53 7.96 20.20
C25 FK5 I . 14.77 7.36 19.58
C26 FK5 I . 16.03 7.74 20.35
C27 FK5 I . 15.82 7.43 21.81
C28 FK5 I . 15.75 8.54 22.77
C29 FK5 I . 15.71 8.27 24.24
C30 FK5 I . 16.61 9.29 24.94
C31 FK5 I . 16.48 9.21 26.47
C32 FK5 I . 15.02 9.40 26.90
C33 FK5 I . 14.13 8.38 26.22
C34 FK5 I . 14.27 8.46 24.71
C35 FK5 I . 18.67 1.30 21.85
C36 FK5 I . 14.70 3.41 15.49
C37 FK5 I . 11.18 6.01 16.40
C38 FK5 I . 9.38 5.35 20.15
C39 FK5 I . 8.06 5.36 19.43
C40 FK5 I . 6.90 4.61 19.96
C41 FK5 I . 14.84 7.79 18.12
C42 FK5 I . 15.66 6.01 22.28
C43 FK5 I . 13.46 2.87 21.86
C44 FK5 I . 13.79 0.02 17.90
C45 FK5 I . 18.63 9.67 27.32
N7 FK5 I . 19.09 5.14 19.15
O1 FK5 I . 17.14 7.04 19.79
O2 FK5 I . 18.54 8.46 21.00
O3 FK5 I . 20.00 4.12 21.08
O4 FK5 I . 20.12 2.23 18.33
O5 FK5 I . 16.88 2.46 18.82
O6 FK5 I . 18.17 0.58 19.39
O7 FK5 I . 13.96 2.01 20.86
O8 FK5 I . 13.56 1.35 18.33
O9 FK5 I . 11.60 6.25 21.35
O10 FK5 I . 13.79 9.34 20.32
O11 FK5 I . 17.34 10.18 27.04
O12 FK5 I . 14.86 9.22 28.30
C1 FK5 J . 2.77 7.46 -2.70
C2 FK5 J . 3.53 8.23 -3.76
C3 FK5 J . 4.77 7.47 -4.23
C4 FK5 J . 5.89 7.49 -3.17
C5 FK5 J . 6.24 8.88 -2.71
C6 FK5 J . 5.00 9.63 -2.22
C8 FK5 J . 3.40 10.64 -3.77
C9 FK5 J . 3.80 11.89 -3.31
C10 FK5 J . 3.00 12.64 -2.25
C11 FK5 J . 1.49 12.44 -2.43
C12 FK5 J . 0.68 12.93 -1.23
C13 FK5 J . 1.35 12.52 0.07
C14 FK5 J . 2.81 12.94 0.04
C15 FK5 J . 3.54 12.71 1.36
C16 FK5 J . 3.12 11.42 2.04
C17 FK5 J . 4.01 11.02 3.22
C18 FK5 J . 3.32 11.37 4.54
C19 FK5 J . 2.49 10.19 4.98
C20 FK5 J . 1.01 10.22 4.84
C21 FK5 J . 0.24 8.93 4.79
C22 FK5 J . 0.22 8.41 3.39
C23 FK5 J . 1.01 7.16 3.07
C24 FK5 J . 0.88 6.81 1.59
C25 FK5 J . 1.79 7.64 0.70
C26 FK5 J . 1.64 7.22 -0.77
C27 FK5 J . 0.20 7.37 -1.16
C28 FK5 J . -0.53 6.20 -1.68
C29 FK5 J . -1.96 6.26 -2.10
C30 FK5 J . -2.19 5.33 -3.29
C31 FK5 J . -3.67 5.21 -3.62
C32 FK5 J . -4.52 4.77 -2.42
C33 FK5 J . -4.31 5.75 -1.28
C34 FK5 J . -2.82 5.81 -0.92
C35 FK5 J . 1.02 13.14 -3.68
C36 FK5 J . 5.39 11.67 3.13
C37 FK5 J . 3.16 8.97 5.55
C38 FK5 J . -1.17 9.20 5.26
C39 FK5 J . -1.92 7.91 5.55
C40 FK5 J . -2.42 7.02 4.49
C41 FK5 J . 3.24 7.50 1.14
C42 FK5 J . -0.45 8.70 -1.02
C43 FK5 J . -0.43 12.38 1.53
C44 FK5 J . 3.99 14.96 1.74
C45 FK5 J . -4.17 5.06 -5.90
N7 FK5 J . 3.94 9.54 -3.26
O1 FK5 J . 2.44 8.02 -1.63
O2 FK5 J . 2.42 6.10 -2.91
O3 FK5 J . 2.47 10.54 -4.81
O4 FK5 J . 4.97 12.45 -3.85
O5 FK5 J . 3.42 12.19 -0.97
O6 FK5 J . 3.22 14.09 -2.34
O7 FK5 J . 0.69 13.15 1.14
O8 FK5 J . 3.28 13.83 2.19
O9 FK5 J . -0.53 9.06 2.39
O10 FK5 J . 1.25 5.47 1.44
O11 FK5 J . -3.89 4.34 -4.71
O12 FK5 J . -5.89 4.76 -2.76
C1 FK5 K . 6.69 -23.67 -12.56
C2 FK5 K . 5.28 -24.15 -12.36
C3 FK5 K . 4.67 -23.49 -11.13
C4 FK5 K . 5.29 -24.01 -9.83
C5 FK5 K . 5.19 -25.52 -9.71
C6 FK5 K . 5.77 -26.20 -10.95
C8 FK5 K . 4.53 -26.34 -13.04
C9 FK5 K . 4.54 -27.73 -12.94
C10 FK5 K . 5.68 -28.55 -13.57
C11 FK5 K . 6.13 -27.82 -14.81
C12 FK5 K . 7.58 -28.04 -15.22
C13 FK5 K . 8.53 -28.42 -14.09
C14 FK5 K . 7.83 -29.35 -13.12
C15 FK5 K . 8.72 -29.77 -11.98
C16 FK5 K . 9.55 -28.61 -11.43
C17 FK5 K . 10.01 -28.87 -9.98
C18 FK5 K . 11.37 -29.56 -9.97
C19 FK5 K . 12.47 -28.50 -10.07
C20 FK5 K . 13.04 -28.13 -11.38
C21 FK5 K . 13.75 -26.82 -11.52
C22 FK5 K . 12.83 -25.83 -12.16
C23 FK5 K . 12.32 -24.65 -11.35
C24 FK5 K . 11.28 -23.87 -12.14
C25 FK5 K . 9.93 -24.57 -12.17
C26 FK5 K . 8.88 -23.74 -12.91
C27 FK5 K . 9.39 -23.44 -14.31
C28 FK5 K . 9.67 -22.05 -14.72
C29 FK5 K . 10.17 -21.75 -16.11
C30 FK5 K . 9.09 -21.01 -16.90
C31 FK5 K . 9.52 -19.64 -17.42
C32 FK5 K . 10.07 -18.81 -16.26
C33 FK5 K . 11.23 -19.50 -15.56
C34 FK5 K . 11.46 -20.93 -16.03
C35 FK5 K . 5.23 -28.22 -15.96
C36 FK5 K . 8.97 -29.63 -9.17
C37 FK5 K . 12.97 -27.83 -8.84
C38 FK5 K . 14.97 -26.99 -12.42
C39 FK5 K . 16.09 -27.65 -11.64
C40 FK5 K . 16.62 -28.94 -12.09
C41 FK5 K . 9.46 -24.88 -10.76
C42 FK5 K . 9.63 -24.57 -15.28
C43 FK5 K . 10.52 -28.33 -15.35
C44 FK5 K . 8.96 -32.05 -12.34
C45 FK5 K . 8.04 -19.56 -19.22
N7 FK5 K . 5.19 -25.59 -12.15
O1 FK5 K . 7.63 -24.42 -12.92
O2 FK5 K . 6.98 -22.32 -12.35
O3 FK5 K . 3.82 -25.72 -14.09
O4 FK5 K . 3.48 -28.36 -12.24
O5 FK5 K . 6.72 -28.65 -12.63
O6 FK5 K . 5.23 -29.87 -13.96
O7 FK5 K . 9.60 -29.14 -14.65
O8 FK5 K . 9.59 -30.80 -12.43
O9 FK5 K . 12.47 -26.02 -13.50
O10 FK5 K . 11.11 -22.60 -11.56
O11 FK5 K . 8.42 -18.99 -18.00
O12 FK5 K . 10.47 -17.53 -16.72
C1 FK5 L . 3.58 -1.23 22.76
C2 FK5 L . 3.48 -2.54 22.03
C3 FK5 L . 2.74 -3.54 22.93
C4 FK5 L . 3.63 -4.03 24.07
C5 FK5 L . 4.94 -4.63 23.54
C6 FK5 L . 5.70 -3.61 22.69
C8 FK5 L . 5.04 -3.27 20.36
C9 FK5 L . 6.24 -3.81 19.93
C10 FK5 L . 7.50 -2.95 19.73
C11 FK5 L . 7.13 -1.66 19.00
C12 FK5 L . 8.24 -0.61 19.06
C13 FK5 L . 8.87 -0.49 20.44
C14 FK5 L . 9.22 -1.88 20.95
C15 FK5 L . 9.77 -2.03 22.38
C16 FK5 L . 10.65 -0.93 22.93
C17 FK5 L . 10.36 -0.71 24.40
C18 FK5 L . 11.33 0.34 24.91
C19 FK5 L . 10.53 1.40 25.62
C20 FK5 L . 9.95 2.52 24.87
C21 FK5 L . 8.81 3.30 25.46
C22 FK5 L . 7.62 3.19 24.58
C23 FK5 L . 6.21 3.38 25.13
C24 FK5 L . 5.41 2.10 25.35
C25 FK5 L . 5.74 0.98 24.37
C26 FK5 L . 4.54 0.65 23.49
C27 FK5 L . 4.43 1.70 22.43
C28 FK5 L . 3.38 2.72 22.52
C29 FK5 L . 3.12 3.69 21.41
C30 FK5 L . 1.62 3.79 21.18
C31 FK5 L . 1.28 4.92 20.20
C32 FK5 L . 1.87 6.26 20.60
C33 FK5 L . 3.38 6.12 20.80
C34 FK5 L . 3.68 5.04 21.82
C35 FK5 L . 6.73 -1.95 17.55
C36 FK5 L . 10.41 -2.00 25.22
C37 FK5 L . 10.33 1.28 27.10
C38 FK5 L . 9.23 4.77 25.51
C39 FK5 L . 9.14 5.33 26.92
C40 FK5 L . 10.31 5.32 27.82
C41 FK5 L . 6.22 -0.29 25.08
C42 FK5 L . 5.39 1.69 21.27
C43 FK5 L . 9.68 1.65 20.73
C44 FK5 L . 11.66 -3.15 21.54
C45 FK5 L . -0.69 4.00 19.36
N7 FK5 L . 4.78 -3.12 21.65
O1 FK5 L . 4.68 -0.63 22.88
O2 FK5 L . 2.41 -0.66 23.29
O3 FK5 L . 4.07 -2.94 19.41
O4 FK5 L . 6.21 -5.18 19.63
O5 FK5 L . 8.01 -2.61 20.99
O6 FK5 L . 8.54 -3.63 19.00
O7 FK5 L . 10.01 0.33 20.34
O8 FK5 L . 10.54 -3.22 22.41
O9 FK5 L . 7.84 2.94 23.21
O10 FK5 L . 5.56 1.65 26.67
O11 FK5 L . -0.12 5.06 20.10
O12 FK5 L . 1.63 7.21 19.59
C1 FK5 M . -5.11 16.96 9.42
C2 FK5 M . -4.55 18.32 9.76
C3 FK5 M . -5.68 19.28 10.13
C4 FK5 M . -6.45 19.70 8.89
C5 FK5 M . -5.55 20.30 7.83
C6 FK5 M . -4.48 19.31 7.42
C8 FK5 M . -2.48 19.12 8.80
C9 FK5 M . -1.69 19.64 7.78
C10 FK5 M . -0.95 18.71 6.81
C11 FK5 M . -0.40 17.48 7.54
C12 FK5 M . 0.04 16.37 6.58
C13 FK5 M . -1.01 16.18 5.49
C14 FK5 M . -1.27 17.52 4.81
C15 FK5 M . -2.24 17.40 3.63
C16 FK5 M . -3.43 16.51 3.96
C17 FK5 M . -4.61 16.77 3.03
C18 FK5 M . -4.52 15.88 1.80
C19 FK5 M . -5.07 14.51 2.11
C20 FK5 M . -4.16 13.44 2.48
C21 FK5 M . -4.74 12.21 3.11
C22 FK5 M . -4.77 12.41 4.60
C23 FK5 M . -6.08 12.73 5.30
C24 FK5 M . -5.84 13.17 6.73
C25 FK5 M . -5.46 14.63 6.84
C26 FK5 M . -5.35 15.06 8.29
C27 FK5 M . -4.53 14.05 9.04
C28 FK5 M . -5.14 13.16 10.03
C29 FK5 M . -4.31 12.13 10.73
C30 FK5 M . -4.56 12.17 12.24
C31 FK5 M . -3.77 11.07 12.99
C32 FK5 M . -3.98 9.70 12.37
C33 FK5 M . -3.73 9.72 10.87
C34 FK5 M . -4.64 10.74 10.20
C35 FK5 M . 0.77 17.89 8.43
C36 FK5 M . -4.69 18.26 2.64
C37 FK5 M . -6.55 14.22 2.05
C38 FK5 M . -3.87 11.03 2.72
C39 FK5 M . -3.77 10.98 1.21
C40 FK5 M . -3.96 9.71 0.50
C41 FK5 M . -6.55 15.45 6.16
C42 FK5 M . -3.05 13.97 8.77
C43 FK5 M . -0.86 13.91 5.04
C44 FK5 M . -0.80 17.99 1.90
C45 FK5 M . -3.38 11.98 15.10
N7 FK5 M . -3.78 18.91 8.65
O1 FK5 M . -4.75 16.33 8.38
O2 FK5 M . -6.05 16.35 10.28
O3 FK5 M . -1.89 18.83 10.05
O4 FK5 M . -1.56 21.04 7.65
O5 FK5 M . -1.84 18.38 5.77
O6 FK5 M . 0.18 19.37 6.22
O7 FK5 M . -0.60 15.22 4.56
O8 FK5 M . -1.55 16.95 2.49
O9 FK5 M . -3.59 12.31 5.35
O10 FK5 M . -7.02 13.02 7.48
O11 FK5 M . -4.14 11.06 14.35
O12 FK5 M . -3.19 8.71 13.00
C1 FK5 N . -19.99 3.89 -8.39
C2 FK5 N . -21.01 3.90 -7.28
C3 FK5 N . -21.83 2.63 -7.34
C4 FK5 N . -22.84 2.68 -8.49
C5 FK5 N . -23.74 3.91 -8.41
C6 FK5 N . -22.92 5.20 -8.40
C8 FK5 N . -21.80 5.98 -6.38
C9 FK5 N . -22.66 7.08 -6.31
C10 FK5 N . -22.26 8.41 -6.92
C11 FK5 N . -20.78 8.70 -6.59
C12 FK5 N . -19.88 8.93 -7.82
C13 FK5 N . -20.57 9.54 -9.04
C14 FK5 N . -22.10 9.51 -8.95
C15 FK5 N . -22.71 9.54 -10.33
C16 FK5 N . -22.08 8.45 -11.19
C17 FK5 N . -22.90 8.17 -12.44
C18 FK5 N . -22.48 9.18 -13.52
C19 FK5 N . -21.27 8.71 -14.25
C20 FK5 N . -19.92 9.15 -13.83
C21 FK5 N . -18.70 8.51 -14.45
C22 FK5 N . -18.18 7.46 -13.49
C23 FK5 N . -18.46 6.01 -13.82
C24 FK5 N . -18.24 5.14 -12.58
C25 FK5 N . -19.25 5.40 -11.46
C26 FK5 N . -18.88 4.66 -10.19
C27 FK5 N . -17.59 5.18 -9.65
C28 FK5 N . -16.36 4.41 -9.82
C29 FK5 N . -15.07 4.91 -9.23
C30 FK5 N . -14.47 3.85 -8.32
C31 FK5 N . -13.11 4.26 -7.78
C32 FK5 N . -12.18 4.60 -8.96
C33 FK5 N . -12.78 5.71 -9.81
C34 FK5 N . -14.11 5.25 -10.36
C35 FK5 N . -20.60 9.85 -5.60
C36 FK5 N . -24.40 8.24 -12.16
C37 FK5 N . -21.43 7.78 -15.43
C38 FK5 N . -17.70 9.61 -14.86
C39 FK5 N . -16.31 9.53 -14.22
C40 FK5 N . -15.31 8.53 -14.61
C41 FK5 N . -20.65 5.02 -11.93
C42 FK5 N . -17.55 6.50 -8.95
C43 FK5 N . -18.84 10.91 -9.75
C44 FK5 N . -23.53 11.72 -10.61
C45 FK5 N . -12.96 3.27 -5.64
N7 FK5 N . -21.91 5.07 -7.34
O1 FK5 N . -19.89 4.84 -9.20
O2 FK5 N . -19.11 2.80 -8.52
O3 FK5 N . -20.79 5.79 -5.42
O4 FK5 N . -23.91 6.99 -5.64
O5 FK5 N . -22.48 8.32 -8.30
O6 FK5 N . -23.12 9.45 -6.38
O7 FK5 N . -20.14 10.87 -9.20
O8 FK5 N . -22.49 10.82 -10.90
O9 FK5 N . -17.49 7.80 -12.31
O10 FK5 N . -18.41 3.79 -12.98
O11 FK5 N . -12.56 3.21 -6.99
O12 FK5 N . -10.89 4.96 -8.52
C1 FK5 O . -17.41 19.62 -15.11
C2 FK5 O . -18.54 20.59 -14.89
C3 FK5 O . -17.97 21.96 -14.59
C4 FK5 O . -17.31 21.99 -13.23
C5 FK5 O . -18.29 21.62 -12.12
C6 FK5 O . -18.91 20.26 -12.40
C8 FK5 O . -20.66 19.77 -14.03
C9 FK5 O . -21.49 19.41 -12.96
C10 FK5 O . -21.70 17.94 -12.56
C11 FK5 O . -21.73 16.99 -13.76
C12 FK5 O . -21.56 15.53 -13.36
C13 FK5 O . -20.45 15.38 -12.32
C14 FK5 O . -20.78 16.32 -11.17
C15 FK5 O . -19.83 16.20 -9.99
C16 FK5 O . -18.39 16.18 -10.45
C17 FK5 O . -17.40 16.53 -9.33
C18 FK5 O . -17.00 15.27 -8.55
C19 FK5 O . -15.77 14.61 -9.14
C20 FK5 O . -15.85 13.77 -10.34
C21 FK5 O . -14.66 13.39 -11.17
C22 FK5 O . -14.60 14.16 -12.46
C23 FK5 O . -13.94 15.52 -12.52
C24 FK5 O . -14.42 16.24 -13.77
C25 FK5 O . -15.75 16.96 -13.53
C26 FK5 O . -16.17 17.78 -14.75
C27 FK5 O . -16.51 16.84 -15.86
C28 FK5 O . -15.60 16.70 -17.00
C29 FK5 O . -15.92 15.84 -18.18
C30 FK5 O . -15.84 16.67 -19.46
C31 FK5 O . -16.00 15.84 -20.72
C32 FK5 O . -14.99 14.71 -20.74
C33 FK5 O . -15.14 13.84 -19.49
C34 FK5 O . -14.94 14.69 -18.24
C35 FK5 O . -23.02 17.15 -14.54
C36 FK5 O . -17.96 17.61 -8.42
C37 FK5 O . -14.44 14.80 -8.47
C38 FK5 O . -14.76 11.91 -11.48
C39 FK5 O . -13.50 11.46 -12.19
C40 FK5 O . -13.45 11.29 -13.65
C41 FK5 O . -15.65 17.85 -12.31
C42 FK5 O . -17.78 16.04 -15.78
C43 FK5 O . -19.55 13.28 -12.75
C44 FK5 O . -21.19 15.30 -8.31
C45 FK5 O . -16.94 17.36 -22.23
N7 FK5 O . -19.40 20.18 -13.78
O1 FK5 O . -17.31 18.56 -14.43
O2 FK5 O . -16.44 19.91 -16.09
O3 FK5 O . -21.15 19.74 -15.34
O4 FK5 O . -22.11 20.45 -12.25
O5 FK5 O . -20.65 17.61 -11.67
O6 FK5 O . -22.95 17.75 -11.84
O7 FK5 O . -20.38 14.05 -11.90
O8 FK5 O . -20.16 15.04 -9.24
O9 FK5 O . -15.15 13.65 -13.67
O10 FK5 O . -13.46 17.19 -14.16
O11 FK5 O . -15.80 16.65 -21.87
O12 FK5 O . -15.18 13.92 -21.91
C1 FK5 P . 18.12 -35.62 -17.13
C2 FK5 P . 17.57 -37.00 -16.84
C3 FK5 P . 17.66 -37.88 -18.08
C4 FK5 P . 16.57 -37.55 -19.10
C5 FK5 P . 15.17 -37.58 -18.50
C6 FK5 P . 15.08 -36.64 -17.30
C8 FK5 P . 15.90 -37.29 -15.12
C9 FK5 P . 14.59 -37.36 -14.67
C10 FK5 P . 13.94 -36.16 -13.99
C11 FK5 P . 14.97 -35.30 -13.26
C12 FK5 P . 14.43 -33.92 -12.92
C13 FK5 P . 13.53 -33.31 -14.00
C14 FK5 P . 12.54 -34.33 -14.53
C15 FK5 P . 11.74 -33.83 -15.72
C16 FK5 P . 12.60 -32.88 -16.57
C17 FK5 P . 12.53 -33.10 -18.09
C18 FK5 P . 11.85 -31.90 -18.76
C19 FK5 P . 12.86 -30.83 -19.10
C20 FK5 P . 13.43 -29.98 -18.03
C21 FK5 P . 14.60 -29.06 -18.24
C22 FK5 P . 15.90 -29.79 -17.99
C23 FK5 P . 16.58 -30.40 -19.18
C24 FK5 P . 17.63 -31.41 -18.76
C25 FK5 P . 17.01 -32.58 -17.99
C26 FK5 P . 18.06 -33.40 -17.26
C27 FK5 P . 18.50 -32.64 -16.04
C28 FK5 P . 19.86 -32.05 -15.92
C29 FK5 P . 20.27 -31.42 -14.62
C30 FK5 P . 21.76 -31.67 -14.32
C31 FK5 P . 22.20 -30.94 -13.05
C32 FK5 P . 21.89 -29.45 -13.11
C33 FK5 P . 20.39 -29.27 -13.35
C34 FK5 P . 20.02 -29.92 -14.67
C35 FK5 P . 15.39 -36.02 -11.99
C36 FK5 P . 11.84 -34.40 -18.46
C37 FK5 P . 13.27 -30.63 -20.53
C38 FK5 P . 14.53 -27.88 -17.27
C39 FK5 P . 13.41 -26.93 -17.62
C40 FK5 P . 12.95 -25.96 -16.61
C41 FK5 P . 16.15 -33.43 -18.94
C42 FK5 P . 17.51 -32.47 -14.92
C43 FK5 P . 13.63 -31.05 -13.48
C44 FK5 P . 9.47 -34.09 -15.33
C45 FK5 P . 23.90 -31.64 -11.60
N7 FK5 P . 16.17 -36.96 -16.37
O1 FK5 P . 17.47 -34.60 -16.82
O2 FK5 P . 19.38 -35.48 -17.76
O3 FK5 P . 16.97 -37.62 -14.25
O4 FK5 P . 13.86 -38.54 -14.87
O5 FK5 P . 13.28 -35.43 -14.99
O6 FK5 P . 12.97 -36.61 -13.01
O7 FK5 P . 12.84 -32.21 -13.45
O8 FK5 P . 10.55 -33.21 -15.29
O9 FK5 P . 16.45 -29.87 -16.70
O10 FK5 P . 18.22 -31.91 -19.94
O11 FK5 P . 23.60 -31.09 -12.86
O12 FK5 P . 22.30 -28.80 -11.93
#